data_6EAY
#
_entry.id   6EAY
#
_cell.length_a   153.429
_cell.length_b   153.429
_cell.length_c   335.862
_cell.angle_alpha   90.00
_cell.angle_beta   90.00
_cell.angle_gamma   120.00
#
_symmetry.space_group_name_H-M   'H 3 2'
#
loop_
_entity.id
_entity.type
_entity.pdbx_description
1 polymer 'CA45 light chain'
2 polymer 'CA45 heavy chain'
3 polymer 'Envelope glycoprotein'
4 polymer 'Envelope glycoprotein'
5 branched alpha-D-mannopyranose-(1-2)-alpha-D-mannopyranose-(1-3)-[alpha-D-mannopyranose-(1-3)-[alpha-D-mannopyranose-(1-6)]alpha-D-mannopyranose-(1-6)]beta-D-mannopyranose-(1-4)-2-acetamido-2-deoxy-beta-D-glucopyranose-(1-4)-2-acetamido-2-deoxy-beta-D-glucopyranose
6 non-polymer 2-acetamido-2-deoxy-beta-D-glucopyranose
#
loop_
_entity_poly.entity_id
_entity_poly.type
_entity_poly.pdbx_seq_one_letter_code
_entity_poly.pdbx_strand_id
1 'polypeptide(L)'
;DIQMTQSPSSLSASVGDTVTITCRASQSISNNLAWYQQRPRRAPQLLIYAASNLASGVPSRFSGSGSGTDFTLTISSLQA
EDFAAYYCQQHNTLPLTFGGGTKVEIKRTVAAPSVFIFPPSDEQLKSGTASVVCLLNNFYPREAKVQWKVDNALQSGNSQ
ESVTEQDSKDSTYSLSSTLTLSKADYEKHKVYACEVTHQGLSSPVTKSFNRGECS
;
L
2 'polypeptide(L)'
;QVQLQEWGEGLVKPSETLSLTCAVYGGSISGYYHWNWIRLPPGKGLEWIGNIDGNSASTNYNPSLKTRVTISKDTSKNQI
SLKVRSLTAADTAVYYCARDPGFTIFGVVITSWSGLDSWGQGAVVTVSSASTKGPSVFPLAPSSKSTSGGTAALGCLVKD
YFPEPVTVSWNSGALTSGVHTFPAVLQSSGLYSLSSVVTVPSSSLGTQTYICNVNHKPSNTKVDKRVEPKSCDKTHT
;
H
3 'polypeptide(L)'
;EAIVNAQPKCNPNLHYWTTQDEGAAIGLAWIPYFGPAAEGIYTEGLMHNQDGLICGLRQLANETTQALQLFLRATTELRT
FSILNRKAIDFLLQRWGGTCHILGPDCCIEPHDWTKNITDKIDQIIHDFVDKTLPDGENLYFQSGSAWSHPQFEKHHHHH
HHH
;
A
4 'polypeptide(L)'
;SIPLGVIHNSTLQVSDVDKLVCRDKLSSTNQLRSVGLNLEGNGVATDVPSATKRWGFRSGVPPKVVNYEAGEWAENCYNL
EIKKPDGSECLPAAPDGIRGFPRCRYVHKVSGTGPCAGDFAFHKEGAFFLYDRLASTVIYRGTTFAEGVVAFLILPQAKK
DFFSSHPLREPVNATEDPSSGYYSTTIRYQATGFGTNETEYLFEVDNLTYVQLESRFTPQFLLQLNETIYTSGKRSNTTG
KLIWKVNPEIDTTIGEWAFWETKKNLTRKIRSEELSFTVVNTHHQDTGEESASSGKLGLITNTIAGVAGLITGGRRTRR
;
B
#
# COMPACT_ATOMS: atom_id res chain seq x y z
N ASP A 1 -2.51 28.35 1.09
CA ASP A 1 -3.61 29.30 0.98
C ASP A 1 -4.75 28.93 1.92
N ILE A 2 -5.42 27.83 1.63
CA ILE A 2 -6.51 27.37 2.49
C ILE A 2 -5.92 26.79 3.76
N GLN A 3 -6.33 27.34 4.90
CA GLN A 3 -5.79 26.95 6.19
C GLN A 3 -6.76 26.03 6.93
N MET A 4 -6.21 25.05 7.63
CA MET A 4 -6.99 24.12 8.44
C MET A 4 -6.21 23.83 9.72
N THR A 5 -6.90 23.89 10.86
CA THR A 5 -6.30 23.69 12.17
C THR A 5 -6.97 22.52 12.86
N GLN A 6 -6.17 21.56 13.32
CA GLN A 6 -6.67 20.38 14.02
C GLN A 6 -6.43 20.56 15.53
N SER A 7 -7.49 20.39 16.30
CA SER A 7 -7.47 20.58 17.75
C SER A 7 -8.19 19.43 18.42
N PRO A 8 -7.85 19.12 19.69
CA PRO A 8 -6.85 19.77 20.55
C PRO A 8 -5.44 19.22 20.33
N SER A 9 -4.43 20.05 20.61
CA SER A 9 -3.04 19.64 20.40
C SER A 9 -2.71 18.40 21.22
N SER A 10 -2.87 18.49 22.54
CA SER A 10 -2.64 17.36 23.43
C SER A 10 -3.97 16.69 23.79
N LEU A 11 -3.89 15.38 24.05
CA LEU A 11 -5.08 14.60 24.40
C LEU A 11 -4.65 13.30 25.03
N SER A 12 -5.23 12.99 26.20
CA SER A 12 -4.95 11.75 26.91
C SER A 12 -6.26 11.07 27.25
N ALA A 13 -6.29 9.75 27.06
CA ALA A 13 -7.49 8.97 27.32
C ALA A 13 -7.09 7.54 27.63
N SER A 14 -7.97 6.84 28.35
CA SER A 14 -7.75 5.46 28.75
C SER A 14 -8.26 4.50 27.68
N VAL A 15 -7.81 3.25 27.78
CA VAL A 15 -8.22 2.23 26.82
C VAL A 15 -9.70 1.96 26.99
N GLY A 16 -10.45 2.09 25.90
CA GLY A 16 -11.88 1.89 25.89
C GLY A 16 -12.70 3.16 25.77
N ASP A 17 -12.07 4.31 25.95
CA ASP A 17 -12.77 5.58 25.83
C ASP A 17 -12.89 5.98 24.37
N THR A 18 -13.84 6.88 24.10
CA THR A 18 -14.11 7.37 22.75
C THR A 18 -13.45 8.74 22.59
N VAL A 19 -12.53 8.83 21.63
CA VAL A 19 -11.78 10.05 21.36
C VAL A 19 -12.44 10.80 20.22
N THR A 20 -12.46 12.13 20.30
CA THR A 20 -13.04 12.97 19.26
C THR A 20 -12.04 14.06 18.89
N ILE A 21 -11.55 14.01 17.66
CA ILE A 21 -10.62 15.01 17.12
C ILE A 21 -11.35 15.87 16.12
N THR A 22 -11.14 17.18 16.20
CA THR A 22 -11.77 18.14 15.30
C THR A 22 -10.72 18.81 14.43
N CYS A 23 -11.14 19.25 13.24
CA CYS A 23 -10.26 19.93 12.31
C CYS A 23 -11.10 20.97 11.56
N ARG A 24 -10.98 22.23 11.98
CA ARG A 24 -11.71 23.30 11.32
C ARG A 24 -10.95 23.80 10.10
N ALA A 25 -11.66 24.53 9.24
CA ALA A 25 -11.09 25.06 8.00
C ALA A 25 -11.37 26.55 7.89
N SER A 26 -10.50 27.25 7.18
CA SER A 26 -10.70 28.67 6.94
C SER A 26 -11.64 28.90 5.75
N GLN A 27 -11.54 28.06 4.72
CA GLN A 27 -12.39 28.15 3.54
C GLN A 27 -13.28 26.91 3.45
N SER A 28 -14.35 27.04 2.69
CA SER A 28 -15.31 25.95 2.55
C SER A 28 -14.71 24.80 1.75
N ILE A 29 -15.06 23.58 2.14
CA ILE A 29 -14.57 22.37 1.50
C ILE A 29 -15.75 21.41 1.32
N SER A 30 -15.71 20.64 0.24
CA SER A 30 -16.74 19.65 -0.03
C SER A 30 -16.50 18.42 0.85
N ASN A 31 -17.23 17.33 0.57
CA ASN A 31 -17.10 16.10 1.34
C ASN A 31 -15.86 15.32 0.92
N ASN A 32 -14.71 16.00 0.97
CA ASN A 32 -13.43 15.45 0.55
C ASN A 32 -12.40 15.79 1.63
N LEU A 33 -12.15 14.85 2.52
CA LEU A 33 -11.17 15.05 3.59
C LEU A 33 -10.43 13.74 3.83
N ALA A 34 -9.36 13.81 4.60
CA ALA A 34 -8.57 12.63 4.91
C ALA A 34 -7.95 12.75 6.29
N TRP A 35 -7.80 11.61 6.96
CA TRP A 35 -7.15 11.53 8.26
C TRP A 35 -6.02 10.51 8.20
N TYR A 36 -4.92 10.82 8.89
CA TYR A 36 -3.73 9.99 8.84
C TYR A 36 -3.23 9.70 10.25
N GLN A 37 -2.59 8.55 10.40
CA GLN A 37 -2.00 8.11 11.66
C GLN A 37 -0.53 7.81 11.45
N GLN A 38 0.29 8.21 12.42
CA GLN A 38 1.74 8.01 12.35
C GLN A 38 2.23 7.57 13.72
N ARG A 39 2.43 6.25 13.88
CA ARG A 39 2.98 5.73 15.12
C ARG A 39 4.45 6.13 15.26
N PRO A 40 4.96 6.17 16.49
CA PRO A 40 6.36 6.54 16.69
C PRO A 40 7.31 5.59 15.98
N ARG A 41 8.28 6.17 15.27
CA ARG A 41 9.30 5.42 14.53
C ARG A 41 8.68 4.60 13.39
N ARG A 42 7.61 5.12 12.79
CA ARG A 42 6.98 4.46 11.65
C ARG A 42 6.42 5.52 10.70
N ALA A 43 6.40 5.17 9.42
CA ALA A 43 5.86 6.06 8.40
C ALA A 43 4.36 6.25 8.59
N PRO A 44 3.79 7.33 8.07
CA PRO A 44 2.34 7.55 8.21
C PRO A 44 1.53 6.48 7.49
N GLN A 45 0.26 6.39 7.88
CA GLN A 45 -0.69 5.48 7.26
C GLN A 45 -1.98 6.21 6.96
N LEU A 46 -2.68 5.77 5.93
CA LEU A 46 -3.97 6.34 5.57
C LEU A 46 -5.06 5.72 6.45
N LEU A 47 -5.79 6.56 7.17
CA LEU A 47 -6.89 6.10 8.01
C LEU A 47 -8.25 6.35 7.38
N ILE A 48 -8.48 7.53 6.82
CA ILE A 48 -9.76 7.88 6.20
C ILE A 48 -9.48 8.69 4.93
N TYR A 49 -10.30 8.48 3.92
CA TYR A 49 -10.28 9.30 2.71
C TYR A 49 -11.70 9.72 2.37
N ALA A 50 -11.83 10.90 1.75
CA ALA A 50 -13.12 11.50 1.39
C ALA A 50 -14.00 11.77 2.61
N ALA A 51 -13.39 11.81 3.80
CA ALA A 51 -14.04 12.22 5.05
C ALA A 51 -15.04 11.19 5.58
N SER A 52 -15.32 10.14 4.81
CA SER A 52 -16.30 9.15 5.23
C SER A 52 -15.87 7.70 5.03
N ASN A 53 -14.95 7.42 4.12
CA ASN A 53 -14.60 6.05 3.76
C ASN A 53 -13.34 5.61 4.49
N LEU A 54 -13.31 4.33 4.89
CA LEU A 54 -12.15 3.76 5.55
C LEU A 54 -11.15 3.26 4.52
N ALA A 55 -9.87 3.45 4.81
CA ALA A 55 -8.82 2.98 3.93
C ALA A 55 -8.72 1.45 3.99
N SER A 56 -7.91 0.90 3.08
CA SER A 56 -7.71 -0.54 3.05
C SER A 56 -6.83 -0.97 4.22
N GLY A 57 -7.34 -1.91 5.02
CA GLY A 57 -6.61 -2.36 6.19
C GLY A 57 -6.77 -1.44 7.37
N VAL A 58 -8.01 -1.05 7.66
CA VAL A 58 -8.31 -0.16 8.78
C VAL A 58 -9.43 -0.79 9.60
N PRO A 59 -9.28 -0.90 10.93
CA PRO A 59 -10.36 -1.47 11.75
C PRO A 59 -11.60 -0.59 11.74
N SER A 60 -12.75 -1.24 11.86
CA SER A 60 -14.05 -0.56 11.77
C SER A 60 -14.41 0.12 13.09
N ARG A 61 -13.50 0.98 13.55
CA ARG A 61 -13.74 1.78 14.74
C ARG A 61 -13.27 3.22 14.60
N PHE A 62 -12.75 3.62 13.44
CA PHE A 62 -12.33 5.00 13.18
C PHE A 62 -13.47 5.69 12.44
N SER A 63 -14.39 6.29 13.20
CA SER A 63 -15.58 6.92 12.63
C SER A 63 -15.28 8.37 12.30
N GLY A 64 -15.56 8.77 11.06
CA GLY A 64 -15.37 10.14 10.64
C GLY A 64 -16.58 10.70 9.93
N SER A 65 -17.03 11.89 10.33
CA SER A 65 -18.19 12.52 9.74
C SER A 65 -17.90 14.01 9.58
N GLY A 66 -18.93 14.77 9.22
CA GLY A 66 -18.81 16.20 9.02
C GLY A 66 -18.74 16.57 7.55
N SER A 67 -18.91 17.86 7.29
CA SER A 67 -18.86 18.40 5.94
C SER A 67 -18.77 19.92 6.03
N GLY A 68 -18.36 20.53 4.92
CA GLY A 68 -18.27 21.98 4.86
C GLY A 68 -17.02 22.54 5.51
N THR A 69 -17.20 23.25 6.62
CA THR A 69 -16.10 23.91 7.30
C THR A 69 -15.55 23.14 8.49
N ASP A 70 -16.37 22.33 9.15
CA ASP A 70 -15.98 21.61 10.35
C ASP A 70 -16.11 20.12 10.13
N PHE A 71 -15.01 19.39 10.36
CA PHE A 71 -14.98 17.95 10.26
C PHE A 71 -14.58 17.36 11.62
N THR A 72 -14.77 16.05 11.75
CA THR A 72 -14.53 15.39 13.03
C THR A 72 -14.12 13.95 12.79
N LEU A 73 -13.15 13.48 13.57
CA LEU A 73 -12.72 12.09 13.58
C LEU A 73 -12.99 11.50 14.96
N THR A 74 -13.53 10.28 14.98
CA THR A 74 -13.91 9.62 16.23
C THR A 74 -13.32 8.21 16.25
N ILE A 75 -12.65 7.88 17.35
CA ILE A 75 -12.06 6.57 17.56
C ILE A 75 -12.82 5.91 18.70
N SER A 76 -13.68 4.94 18.37
CA SER A 76 -14.45 4.23 19.38
C SER A 76 -13.61 3.11 19.97
N SER A 77 -13.64 2.98 21.30
CA SER A 77 -12.91 1.95 22.04
C SER A 77 -11.41 2.00 21.71
N LEU A 78 -10.80 3.12 22.11
CA LEU A 78 -9.38 3.34 21.88
C LEU A 78 -8.56 2.17 22.43
N GLN A 79 -7.49 1.83 21.71
CA GLN A 79 -6.62 0.74 22.08
C GLN A 79 -5.20 1.24 22.27
N ALA A 80 -4.35 0.38 22.84
CA ALA A 80 -2.98 0.78 23.15
C ALA A 80 -2.17 1.03 21.88
N GLU A 81 -2.43 0.26 20.82
CA GLU A 81 -1.68 0.43 19.57
C GLU A 81 -2.03 1.74 18.87
N ASP A 82 -3.11 2.41 19.26
CA ASP A 82 -3.51 3.67 18.64
C ASP A 82 -2.64 4.84 19.07
N PHE A 83 -1.61 4.62 19.88
CA PHE A 83 -0.70 5.68 20.28
C PHE A 83 0.04 6.22 19.07
N ALA A 84 -0.32 7.43 18.64
CA ALA A 84 0.24 8.01 17.43
C ALA A 84 -0.25 9.46 17.31
N ALA A 85 0.33 10.17 16.36
CA ALA A 85 -0.09 11.53 16.04
C ALA A 85 -1.04 11.50 14.86
N TYR A 86 -2.15 12.21 14.97
CA TYR A 86 -3.20 12.23 13.95
C TYR A 86 -3.28 13.62 13.35
N TYR A 87 -3.15 13.70 12.03
CA TYR A 87 -3.11 14.96 11.30
C TYR A 87 -4.37 15.12 10.45
N CYS A 88 -4.51 16.30 9.86
CA CYS A 88 -5.64 16.62 9.01
C CYS A 88 -5.15 16.77 7.57
N GLN A 89 -6.10 16.77 6.64
CA GLN A 89 -5.78 16.82 5.21
C GLN A 89 -6.93 17.46 4.44
N GLN A 90 -6.59 18.21 3.40
CA GLN A 90 -7.57 18.89 2.56
C GLN A 90 -7.59 18.28 1.17
N HIS A 91 -8.70 18.52 0.46
CA HIS A 91 -8.88 18.05 -0.90
C HIS A 91 -9.65 19.09 -1.69
N ASN A 92 -9.72 18.87 -3.01
CA ASN A 92 -10.49 19.73 -3.91
C ASN A 92 -10.06 21.19 -3.83
N THR A 93 -8.78 21.42 -3.56
CA THR A 93 -8.23 22.76 -3.44
C THR A 93 -6.71 22.67 -3.45
N LEU A 94 -6.08 23.82 -3.65
CA LEU A 94 -4.63 23.93 -3.66
C LEU A 94 -4.21 25.17 -2.88
N PRO A 95 -3.10 25.12 -2.15
CA PRO A 95 -2.23 23.96 -1.98
C PRO A 95 -2.77 22.94 -0.98
N LEU A 96 -2.30 21.69 -1.08
CA LEU A 96 -2.69 20.65 -0.15
C LEU A 96 -2.24 21.00 1.27
N THR A 97 -3.19 21.26 2.15
CA THR A 97 -2.91 21.74 3.50
C THR A 97 -3.10 20.63 4.52
N PHE A 98 -2.24 20.61 5.53
CA PHE A 98 -2.33 19.70 6.65
C PHE A 98 -2.79 20.47 7.89
N GLY A 99 -2.81 19.77 9.03
CA GLY A 99 -3.17 20.38 10.28
C GLY A 99 -2.24 19.94 11.39
N GLY A 100 -2.27 20.70 12.48
CA GLY A 100 -1.47 20.38 13.64
C GLY A 100 -1.78 19.02 14.21
N GLY A 101 -0.83 18.09 14.09
CA GLY A 101 -1.04 16.73 14.54
C GLY A 101 -1.34 16.61 16.02
N THR A 102 -2.51 16.08 16.35
CA THR A 102 -2.91 15.91 17.74
C THR A 102 -2.21 14.68 18.30
N LYS A 103 -1.35 14.90 19.30
CA LYS A 103 -0.62 13.80 19.92
C LYS A 103 -1.49 13.10 20.94
N VAL A 104 -1.61 11.78 20.81
CA VAL A 104 -2.48 10.97 21.66
C VAL A 104 -1.62 10.27 22.71
N GLU A 105 -2.08 10.29 23.95
CA GLU A 105 -1.42 9.62 25.06
C GLU A 105 -2.38 8.65 25.72
N ILE A 106 -1.83 7.54 26.20
CA ILE A 106 -2.62 6.48 26.82
C ILE A 106 -2.47 6.56 28.33
N LYS A 107 -3.52 6.17 29.05
CA LYS A 107 -3.52 6.15 30.50
C LYS A 107 -3.44 4.71 31.00
N ARG A 108 -2.56 4.47 31.98
CA ARG A 108 -2.36 3.15 32.54
C ARG A 108 -2.15 3.28 34.04
N THR A 109 -2.53 2.23 34.78
CA THR A 109 -2.26 2.18 36.21
C THR A 109 -0.75 2.33 36.47
N VAL A 110 -0.42 2.88 37.63
CA VAL A 110 0.98 3.14 37.97
C VAL A 110 1.76 1.85 37.95
N ALA A 111 2.93 1.88 37.31
CA ALA A 111 3.78 0.71 37.17
C ALA A 111 5.11 0.94 37.88
N ALA A 112 5.73 -0.16 38.30
CA ALA A 112 7.00 -0.08 39.02
C ALA A 112 8.15 -0.06 38.02
N PRO A 113 9.00 0.97 38.03
CA PRO A 113 10.14 0.99 37.10
C PRO A 113 11.17 -0.07 37.46
N SER A 114 11.39 -1.00 36.54
CA SER A 114 12.40 -2.03 36.71
C SER A 114 13.77 -1.39 36.49
N VAL A 115 14.48 -1.11 37.57
CA VAL A 115 15.75 -0.39 37.50
C VAL A 115 16.88 -1.37 37.27
N PHE A 116 17.72 -1.07 36.28
CA PHE A 116 18.92 -1.84 36.01
C PHE A 116 20.11 -0.88 35.92
N ILE A 117 21.31 -1.44 36.12
CA ILE A 117 22.53 -0.66 36.03
C ILE A 117 23.56 -1.46 35.25
N PHE A 118 24.26 -0.79 34.35
CA PHE A 118 25.28 -1.42 33.50
C PHE A 118 26.58 -0.64 33.61
N PRO A 119 27.55 -1.16 34.35
CA PRO A 119 28.87 -0.50 34.41
C PRO A 119 29.50 -0.44 33.03
N PRO A 120 30.48 0.45 32.83
CA PRO A 120 31.08 0.57 31.49
C PRO A 120 31.83 -0.70 31.09
N SER A 121 32.04 -0.83 29.78
CA SER A 121 32.70 -1.99 29.22
C SER A 121 34.21 -1.75 29.13
N ASP A 122 34.95 -2.86 29.00
CA ASP A 122 36.40 -2.76 28.84
C ASP A 122 36.77 -1.98 27.58
N GLU A 123 35.95 -2.10 26.52
CA GLU A 123 36.17 -1.30 25.32
C GLU A 123 35.71 0.14 25.52
N GLN A 124 34.66 0.37 26.32
CA GLN A 124 34.18 1.71 26.55
C GLN A 124 35.10 2.50 27.48
N LEU A 125 35.98 1.83 28.22
CA LEU A 125 36.90 2.49 29.13
C LEU A 125 38.32 2.56 28.59
N LYS A 126 38.62 1.86 27.50
CA LYS A 126 39.97 1.90 26.92
C LYS A 126 40.25 3.21 26.18
N SER A 127 39.24 3.79 25.55
CA SER A 127 39.44 5.04 24.82
C SER A 127 39.78 6.18 25.78
N GLY A 128 39.19 6.18 26.97
CA GLY A 128 39.47 7.21 27.96
C GLY A 128 38.23 7.95 28.41
N THR A 129 37.06 7.47 28.00
CA THR A 129 35.78 8.09 28.37
C THR A 129 34.80 6.97 28.73
N ALA A 130 34.68 6.67 30.02
CA ALA A 130 33.76 5.64 30.46
C ALA A 130 32.35 6.23 30.62
N SER A 131 31.35 5.34 30.55
CA SER A 131 29.96 5.77 30.64
C SER A 131 29.16 4.69 31.36
N VAL A 132 28.38 5.10 32.36
CA VAL A 132 27.51 4.21 33.11
C VAL A 132 26.08 4.43 32.65
N VAL A 133 25.30 3.35 32.63
CA VAL A 133 23.92 3.38 32.17
C VAL A 133 23.01 2.89 33.29
N CYS A 134 21.95 3.63 33.55
CA CYS A 134 20.93 3.27 34.54
C CYS A 134 19.59 3.19 33.84
N LEU A 135 19.09 1.98 33.65
CA LEU A 135 17.88 1.76 32.85
C LEU A 135 16.65 1.70 33.74
N LEU A 136 15.59 2.39 33.30
CA LEU A 136 14.27 2.31 33.90
C LEU A 136 13.30 1.83 32.83
N ASN A 137 12.54 0.78 33.14
CA ASN A 137 11.67 0.17 32.15
C ASN A 137 10.29 -0.10 32.74
N ASN A 138 9.26 0.10 31.92
CA ASN A 138 7.88 -0.26 32.25
C ASN A 138 7.40 0.45 33.52
N PHE A 139 7.33 1.77 33.42
CA PHE A 139 6.78 2.60 34.49
C PHE A 139 5.81 3.61 33.92
N TYR A 140 4.83 4.00 34.74
CA TYR A 140 3.84 4.99 34.37
C TYR A 140 3.47 5.78 35.62
N PRO A 141 3.35 7.11 35.54
CA PRO A 141 3.55 7.92 34.33
C PRO A 141 5.02 8.21 34.04
N ARG A 142 5.26 9.03 33.01
CA ARG A 142 6.63 9.37 32.65
C ARG A 142 7.33 10.20 33.72
N GLU A 143 6.57 10.77 34.66
CA GLU A 143 7.17 11.57 35.72
C GLU A 143 8.07 10.70 36.59
N ALA A 144 9.36 11.02 36.58
CA ALA A 144 10.35 10.28 37.36
C ALA A 144 11.45 11.24 37.79
N LYS A 145 12.31 10.76 38.68
CA LYS A 145 13.43 11.56 39.19
C LYS A 145 14.60 10.60 39.43
N VAL A 146 15.59 10.65 38.54
CA VAL A 146 16.74 9.76 38.58
C VAL A 146 17.98 10.61 38.87
N GLN A 147 18.69 10.27 39.93
CA GLN A 147 19.91 10.96 40.31
C GLN A 147 21.04 9.94 40.47
N TRP A 148 22.27 10.42 40.28
CA TRP A 148 23.45 9.58 40.37
C TRP A 148 24.19 9.85 41.67
N LYS A 149 24.65 8.78 42.32
CA LYS A 149 25.40 8.87 43.58
C LYS A 149 26.73 8.15 43.36
N VAL A 150 27.74 8.92 42.96
CA VAL A 150 29.08 8.39 42.72
C VAL A 150 29.91 8.64 43.98
N ASP A 151 29.96 7.63 44.86
CA ASP A 151 30.65 7.74 46.14
C ASP A 151 30.10 8.93 46.95
N ASN A 152 28.78 8.94 47.12
CA ASN A 152 28.05 9.92 47.92
C ASN A 152 28.00 11.28 47.22
N ALA A 153 28.68 11.41 46.08
CA ALA A 153 28.69 12.67 45.33
C ALA A 153 27.51 12.71 44.38
N LEU A 154 26.78 13.81 44.40
CA LEU A 154 25.62 14.00 43.52
C LEU A 154 26.12 14.43 42.15
N GLN A 155 26.13 13.51 41.19
CA GLN A 155 26.56 13.82 39.84
C GLN A 155 25.54 14.71 39.16
N SER A 156 26.01 15.79 38.53
CA SER A 156 25.13 16.74 37.87
C SER A 156 25.85 17.35 36.67
N GLY A 157 25.11 17.56 35.59
CA GLY A 157 25.65 18.15 34.38
C GLY A 157 26.30 17.18 33.43
N ASN A 158 26.81 16.05 33.94
CA ASN A 158 27.47 15.05 33.13
C ASN A 158 26.54 13.92 32.70
N SER A 159 25.31 13.91 33.18
CA SER A 159 24.34 12.89 32.81
C SER A 159 23.52 13.32 31.60
N GLN A 160 23.10 12.35 30.80
CA GLN A 160 22.28 12.58 29.61
C GLN A 160 21.00 11.78 29.74
N GLU A 161 19.89 12.48 29.90
CA GLU A 161 18.58 11.85 30.09
C GLU A 161 17.87 11.67 28.77
N SER A 162 17.10 10.59 28.66
CA SER A 162 16.40 10.28 27.42
C SER A 162 15.20 9.40 27.75
N VAL A 163 13.99 9.93 27.57
CA VAL A 163 12.75 9.20 27.79
C VAL A 163 12.16 8.83 26.44
N THR A 164 11.64 7.62 26.33
CA THR A 164 11.03 7.13 25.11
C THR A 164 9.52 7.36 25.14
N GLU A 165 8.85 6.95 24.07
CA GLU A 165 7.41 7.06 23.98
C GLU A 165 6.72 5.89 24.68
N GLN A 166 5.40 5.97 24.80
CA GLN A 166 4.63 4.88 25.37
C GLN A 166 4.66 3.68 24.44
N ASP A 167 4.97 2.51 24.99
CA ASP A 167 5.07 1.30 24.18
C ASP A 167 3.74 0.98 23.51
N SER A 168 3.81 0.46 22.29
CA SER A 168 2.59 0.15 21.55
C SER A 168 1.80 -0.99 22.19
N LYS A 169 2.50 -1.95 22.80
CA LYS A 169 1.87 -3.10 23.43
C LYS A 169 1.76 -2.98 24.94
N ASP A 170 2.76 -2.39 25.60
CA ASP A 170 2.75 -2.25 27.05
C ASP A 170 2.13 -0.94 27.53
N SER A 171 2.10 0.08 26.68
CA SER A 171 1.58 1.40 27.04
C SER A 171 2.30 1.95 28.26
N THR A 172 3.63 2.02 28.17
CA THR A 172 4.45 2.48 29.28
C THR A 172 5.73 3.10 28.73
N TYR A 173 6.40 3.87 29.59
CA TYR A 173 7.61 4.57 29.20
C TYR A 173 8.85 3.73 29.54
N SER A 174 10.02 4.30 29.25
CA SER A 174 11.29 3.68 29.60
C SER A 174 12.37 4.76 29.56
N LEU A 175 13.08 4.94 30.66
CA LEU A 175 14.08 5.98 30.80
C LEU A 175 15.48 5.37 30.82
N SER A 176 16.41 5.99 30.11
CA SER A 176 17.80 5.57 30.05
C SER A 176 18.68 6.78 30.38
N SER A 177 18.98 6.95 31.66
CA SER A 177 19.86 8.01 32.11
C SER A 177 21.32 7.52 32.03
N THR A 178 22.12 8.20 31.22
CA THR A 178 23.50 7.80 30.97
C THR A 178 24.44 8.87 31.52
N LEU A 179 25.39 8.45 32.35
CA LEU A 179 26.39 9.34 32.92
C LEU A 179 27.70 9.13 32.18
N THR A 180 28.13 10.15 31.44
CA THR A 180 29.33 10.09 30.62
C THR A 180 30.39 11.02 31.19
N LEU A 181 31.57 10.46 31.46
CA LEU A 181 32.69 11.23 32.00
C LEU A 181 33.99 10.64 31.49
N SER A 182 35.08 11.37 31.73
CA SER A 182 36.40 10.90 31.34
C SER A 182 36.88 9.81 32.28
N LYS A 183 37.84 9.02 31.81
CA LYS A 183 38.40 7.95 32.62
C LYS A 183 39.15 8.48 33.84
N ALA A 184 39.62 9.72 33.80
CA ALA A 184 40.34 10.29 34.93
C ALA A 184 39.44 10.39 36.15
N ASP A 185 38.24 10.94 35.99
CA ASP A 185 37.28 11.06 37.08
C ASP A 185 36.53 9.76 37.35
N TYR A 186 36.79 8.70 36.57
CA TYR A 186 36.12 7.42 36.77
C TYR A 186 36.89 6.51 37.71
N GLU A 187 38.18 6.28 37.43
CA GLU A 187 38.98 5.39 38.27
C GLU A 187 39.18 5.94 39.68
N LYS A 188 38.96 7.25 39.89
CA LYS A 188 39.09 7.85 41.20
C LYS A 188 37.94 7.49 42.14
N HIS A 189 36.98 6.69 41.68
CA HIS A 189 35.85 6.28 42.50
C HIS A 189 35.55 4.81 42.24
N LYS A 190 35.01 4.13 43.25
CA LYS A 190 34.78 2.69 43.19
C LYS A 190 33.31 2.34 42.97
N VAL A 191 32.41 2.84 43.81
CA VAL A 191 30.99 2.51 43.75
C VAL A 191 30.25 3.54 42.91
N TYR A 192 29.36 3.07 42.05
CA TYR A 192 28.54 3.94 41.20
C TYR A 192 27.09 3.57 41.43
N ALA A 193 26.33 4.48 42.06
CA ALA A 193 24.95 4.23 42.43
C ALA A 193 24.00 5.04 41.56
N CYS A 194 22.75 4.61 41.56
CA CYS A 194 21.70 5.28 40.79
C CYS A 194 20.39 5.10 41.55
N GLU A 195 19.87 6.19 42.11
CA GLU A 195 18.60 6.16 42.81
C GLU A 195 17.48 6.68 41.92
N VAL A 196 16.28 6.13 42.13
CA VAL A 196 15.12 6.46 41.32
C VAL A 196 13.98 6.84 42.27
N THR A 197 13.35 7.99 41.99
CA THR A 197 12.23 8.48 42.78
C THR A 197 11.00 8.50 41.88
N HIS A 198 10.11 7.54 42.07
CA HIS A 198 8.90 7.41 41.27
C HIS A 198 7.68 7.43 42.17
N GLN A 199 6.54 7.79 41.57
CA GLN A 199 5.28 7.85 42.32
C GLN A 199 4.88 6.47 42.83
N GLY A 200 4.90 5.47 41.95
CA GLY A 200 4.54 4.13 42.32
C GLY A 200 5.56 3.48 43.25
N SER A 202 7.20 2.65 46.61
CA SER A 202 7.22 2.67 48.06
C SER A 202 8.28 3.64 48.59
N SER A 203 9.50 3.48 48.11
CA SER A 203 10.63 4.30 48.52
C SER A 203 11.62 4.36 47.37
N PRO A 204 12.51 5.36 47.35
CA PRO A 204 13.51 5.43 46.28
C PRO A 204 14.41 4.20 46.26
N VAL A 205 14.49 3.57 45.09
CA VAL A 205 15.31 2.38 44.89
C VAL A 205 16.67 2.81 44.36
N THR A 206 17.73 2.30 44.99
CA THR A 206 19.11 2.65 44.63
C THR A 206 19.86 1.39 44.23
N LYS A 207 20.48 1.42 43.06
CA LYS A 207 21.27 0.32 42.54
C LYS A 207 22.72 0.76 42.44
N SER A 208 23.61 0.06 43.13
CA SER A 208 25.03 0.38 43.16
C SER A 208 25.84 -0.70 42.46
N PHE A 209 27.12 -0.41 42.25
CA PHE A 209 28.02 -1.35 41.61
C PHE A 209 29.45 -1.00 42.02
N ASN A 210 30.12 -1.92 42.70
CA ASN A 210 31.49 -1.70 43.15
C ASN A 210 32.46 -1.94 41.99
N ARG A 211 33.75 -2.00 42.29
CA ARG A 211 34.75 -2.22 41.25
C ARG A 211 34.55 -3.55 40.54
N GLY A 212 34.07 -4.57 41.25
CA GLY A 212 33.83 -5.87 40.65
C GLY A 212 35.10 -6.64 40.34
N VAL B 2 3.33 -1.08 -5.73
CA VAL B 2 2.46 -0.90 -4.58
C VAL B 2 3.13 0.00 -3.54
N GLN B 3 4.05 -0.58 -2.78
CA GLN B 3 4.78 0.18 -1.77
C GLN B 3 5.88 1.02 -2.41
N LEU B 4 6.35 2.01 -1.65
CA LEU B 4 7.36 2.95 -2.11
C LEU B 4 8.56 2.93 -1.18
N GLN B 5 9.75 3.07 -1.75
CA GLN B 5 10.98 3.19 -0.98
C GLN B 5 11.71 4.46 -1.40
N GLU B 6 12.49 5.02 -0.47
CA GLU B 6 13.15 6.29 -0.67
C GLU B 6 14.65 6.15 -0.45
N TRP B 7 15.40 7.05 -1.08
CA TRP B 7 16.85 7.06 -1.01
C TRP B 7 17.36 8.47 -0.78
N GLY B 8 18.32 8.62 0.13
CA GLY B 8 18.86 9.92 0.44
C GLY B 8 20.07 9.85 1.37
N LEU B 11 23.55 13.21 5.33
CA LEU B 11 23.65 14.64 5.56
C LEU B 11 23.78 15.41 4.25
N VAL B 12 23.42 16.69 4.27
CA VAL B 12 23.49 17.55 3.11
C VAL B 12 24.15 18.86 3.53
N LYS B 13 25.24 19.23 2.86
CA LYS B 13 25.94 20.46 3.17
C LYS B 13 25.03 21.66 2.89
N PRO B 14 25.30 22.80 3.53
CA PRO B 14 24.50 24.00 3.26
C PRO B 14 24.68 24.47 1.82
N SER B 15 23.62 25.06 1.27
CA SER B 15 23.55 25.55 -0.09
C SER B 15 23.71 24.44 -1.13
N GLU B 16 23.66 23.19 -0.72
CA GLU B 16 23.78 22.06 -1.63
C GLU B 16 22.40 21.52 -1.99
N THR B 17 22.36 20.76 -3.09
CA THR B 17 21.12 20.18 -3.58
C THR B 17 20.95 18.79 -2.97
N LEU B 18 19.97 18.66 -2.08
CA LEU B 18 19.66 17.37 -1.45
C LEU B 18 18.98 16.47 -2.46
N SER B 19 19.74 15.56 -3.07
CA SER B 19 19.23 14.66 -4.10
C SER B 19 18.61 13.44 -3.43
N LEU B 20 17.27 13.38 -3.46
CA LEU B 20 16.52 12.27 -2.88
C LEU B 20 15.63 11.66 -3.96
N THR B 21 15.70 10.34 -4.12
CA THR B 21 14.93 9.62 -5.11
C THR B 21 13.85 8.77 -4.44
N CYS B 22 12.68 8.69 -5.06
CA CYS B 22 11.55 7.91 -4.56
C CYS B 22 11.26 6.82 -5.59
N ALA B 23 11.87 5.65 -5.39
CA ALA B 23 11.69 4.54 -6.31
C ALA B 23 10.38 3.81 -6.03
N VAL B 24 9.61 3.59 -7.08
CA VAL B 24 8.30 2.94 -6.98
C VAL B 24 8.47 1.48 -7.38
N TYR B 25 8.42 0.58 -6.40
CA TYR B 25 8.56 -0.85 -6.63
C TYR B 25 7.19 -1.50 -6.76
N GLY B 26 7.18 -2.68 -7.40
CA GLY B 26 5.96 -3.46 -7.51
C GLY B 26 4.84 -2.81 -8.29
N GLY B 27 5.15 -1.82 -9.11
CA GLY B 27 4.14 -1.15 -9.90
C GLY B 27 4.71 -0.16 -10.88
N SER B 28 4.10 -0.06 -12.06
CA SER B 28 4.55 0.89 -13.07
C SER B 28 4.37 2.32 -12.56
N ILE B 29 5.35 3.17 -12.86
CA ILE B 29 5.28 4.55 -12.39
C ILE B 29 4.39 5.39 -13.30
N SER B 30 4.36 5.09 -14.60
CA SER B 30 3.54 5.85 -15.54
C SER B 30 2.09 5.42 -15.40
N GLY B 31 1.26 6.29 -14.82
CA GLY B 31 -0.13 5.98 -14.63
C GLY B 31 -0.95 7.24 -14.41
N TYR B 32 -2.21 7.03 -14.05
CA TYR B 32 -3.15 8.11 -13.79
C TYR B 32 -3.05 8.67 -12.37
N TYR B 33 -2.01 8.30 -11.62
CA TYR B 33 -1.88 8.73 -10.25
C TYR B 33 -1.08 10.04 -10.15
N HIS B 34 -1.07 10.60 -8.94
CA HIS B 34 -0.19 11.69 -8.59
C HIS B 34 0.85 11.20 -7.60
N TRP B 35 1.91 11.97 -7.44
CA TRP B 35 3.00 11.62 -6.53
C TRP B 35 3.42 12.85 -5.75
N ASN B 36 3.28 12.79 -4.43
CA ASN B 36 3.54 13.93 -3.56
C ASN B 36 4.76 13.68 -2.68
N TRP B 37 5.31 14.77 -2.15
CA TRP B 37 6.42 14.74 -1.22
C TRP B 37 5.99 15.37 0.09
N ILE B 38 6.18 14.66 1.19
CA ILE B 38 5.74 15.09 2.51
C ILE B 38 6.93 15.09 3.45
N ARG B 39 6.98 16.06 4.36
CA ARG B 39 8.03 16.14 5.36
C ARG B 39 7.42 16.57 6.69
N LEU B 40 8.14 16.30 7.77
CA LEU B 40 7.69 16.72 9.09
C LEU B 40 8.86 17.29 9.89
N PRO B 41 8.86 18.59 10.17
CA PRO B 41 9.90 19.14 11.03
C PRO B 41 9.73 18.67 12.46
N PRO B 42 10.82 18.51 13.20
CA PRO B 42 10.69 18.07 14.61
C PRO B 42 10.11 19.16 15.49
N GLY B 43 8.86 18.98 15.90
CA GLY B 43 8.18 19.96 16.73
C GLY B 43 7.59 21.11 15.94
N LEU B 46 3.42 17.53 9.90
CA LEU B 46 3.62 17.21 8.49
C LEU B 46 3.50 18.45 7.62
N GLU B 47 4.08 18.39 6.42
CA GLU B 47 4.07 19.52 5.51
C GLU B 47 4.18 19.02 4.08
N TRP B 48 3.33 19.56 3.19
CA TRP B 48 3.32 19.16 1.80
C TRP B 48 4.35 19.95 1.02
N ILE B 49 5.15 19.25 0.21
CA ILE B 49 6.24 19.89 -0.53
C ILE B 49 5.79 20.21 -1.95
N GLY B 50 5.42 19.18 -2.70
CA GLY B 50 5.01 19.37 -4.08
C GLY B 50 4.35 18.13 -4.63
N ASN B 51 3.70 18.31 -5.78
CA ASN B 51 2.98 17.23 -6.46
C ASN B 51 3.38 17.20 -7.92
N ILE B 52 3.59 15.99 -8.44
CA ILE B 52 3.90 15.78 -9.85
C ILE B 52 2.90 14.79 -10.42
N ASP B 53 2.23 15.18 -11.51
CA ASP B 53 1.29 14.29 -12.17
C ASP B 53 2.05 13.19 -12.90
N GLY B 54 1.67 11.94 -12.63
CA GLY B 54 2.31 10.83 -13.31
C GLY B 54 2.10 10.88 -14.81
N ASN B 55 0.88 11.17 -15.25
CA ASN B 55 0.58 11.32 -16.66
C ASN B 55 0.65 12.80 -17.03
N SER B 56 1.24 13.08 -18.19
CA SER B 56 1.42 14.40 -18.80
C SER B 56 2.44 15.26 -18.08
N ALA B 57 3.04 14.79 -17.00
CA ALA B 57 4.13 15.49 -16.31
C ALA B 57 3.75 16.92 -15.96
N SER B 58 2.69 17.05 -15.16
CA SER B 58 2.18 18.34 -14.69
C SER B 58 2.61 18.51 -13.23
N THR B 59 3.73 19.21 -13.04
CA THR B 59 4.28 19.42 -11.71
C THR B 59 3.65 20.66 -11.06
N ASN B 60 3.15 20.50 -9.85
CA ASN B 60 2.55 21.59 -9.08
C ASN B 60 3.20 21.62 -7.71
N TYR B 61 3.57 22.82 -7.25
CA TYR B 61 4.27 22.99 -5.98
C TYR B 61 3.42 23.85 -5.04
N ASN B 62 3.97 24.11 -3.86
CA ASN B 62 3.45 24.90 -2.75
C ASN B 62 3.88 26.36 -2.90
N PRO B 63 3.02 27.30 -2.52
CA PRO B 63 3.40 28.73 -2.63
C PRO B 63 4.67 29.08 -1.88
N SER B 64 4.88 28.52 -0.70
CA SER B 64 6.08 28.80 0.08
C SER B 64 7.34 28.24 -0.57
N LEU B 65 7.21 27.36 -1.56
CA LEU B 65 8.35 26.74 -2.20
C LEU B 65 8.36 27.06 -3.69
N LYS B 66 8.16 28.33 -4.04
CA LYS B 66 8.02 28.72 -5.43
C LYS B 66 9.27 28.38 -6.23
N THR B 67 10.41 28.97 -5.86
CA THR B 67 11.67 28.81 -6.57
C THR B 67 12.70 28.08 -5.72
N ARG B 68 12.27 27.04 -5.02
CA ARG B 68 13.18 26.31 -4.14
C ARG B 68 12.99 24.80 -4.20
N VAL B 69 12.14 24.29 -5.11
CA VAL B 69 11.84 22.87 -5.19
C VAL B 69 11.74 22.46 -6.65
N THR B 70 12.23 21.27 -6.96
CA THR B 70 12.14 20.70 -8.30
C THR B 70 11.92 19.20 -8.18
N ILE B 71 10.84 18.70 -8.78
CA ILE B 71 10.48 17.28 -8.75
C ILE B 71 10.48 16.75 -10.17
N SER B 72 11.27 15.71 -10.41
CA SER B 72 11.39 15.10 -11.73
C SER B 72 11.04 13.62 -11.64
N LYS B 73 10.50 13.10 -12.73
CA LYS B 73 10.10 11.70 -12.82
C LYS B 73 10.97 10.96 -13.85
N ASP B 74 11.00 9.63 -13.71
CA ASP B 74 11.76 8.79 -14.62
C ASP B 74 11.00 7.48 -14.79
N THR B 75 10.62 7.17 -16.03
CA THR B 75 9.86 5.96 -16.29
C THR B 75 10.78 4.75 -16.48
N SER B 76 12.00 4.97 -16.99
CA SER B 76 12.93 3.86 -17.20
C SER B 76 13.28 3.19 -15.88
N LYS B 77 13.87 3.93 -14.95
CA LYS B 77 14.23 3.38 -13.65
C LYS B 77 13.07 3.34 -12.67
N ASN B 78 11.93 3.95 -13.02
CA ASN B 78 10.75 3.99 -12.16
C ASN B 78 11.08 4.62 -10.82
N GLN B 79 11.53 5.87 -10.86
CA GLN B 79 11.90 6.62 -9.66
C GLN B 79 11.48 8.07 -9.82
N ILE B 80 11.50 8.80 -8.72
CA ILE B 80 11.14 10.22 -8.70
C ILE B 80 12.16 10.95 -7.83
N SER B 81 12.88 11.89 -8.43
CA SER B 81 13.93 12.62 -7.74
C SER B 81 13.41 13.97 -7.23
N LEU B 82 14.06 14.47 -6.19
CA LEU B 82 13.74 15.78 -5.64
C LEU B 82 15.05 16.46 -5.29
N LYS B 83 15.30 17.64 -5.86
CA LYS B 83 16.46 18.45 -5.55
C LYS B 83 16.01 19.68 -4.77
N VAL B 84 16.67 19.95 -3.64
CA VAL B 84 16.36 21.08 -2.78
C VAL B 84 17.58 21.99 -2.76
N ARG B 85 17.57 23.05 -3.55
CA ARG B 85 18.65 24.01 -3.55
C ARG B 85 18.49 25.09 -2.49
N SER B 86 17.34 25.14 -1.81
CA SER B 86 17.09 26.14 -0.79
C SER B 86 17.94 25.86 0.44
N LEU B 87 18.87 26.77 0.74
CA LEU B 87 19.68 26.66 1.95
C LEU B 87 18.98 27.29 3.14
N THR B 88 17.74 26.85 3.40
CA THR B 88 16.95 27.42 4.48
C THR B 88 17.46 27.02 5.85
N ALA B 89 18.19 25.90 5.94
CA ALA B 89 18.77 25.35 7.16
C ALA B 89 17.71 24.88 8.15
N ALA B 90 16.43 25.05 7.85
CA ALA B 90 15.35 24.52 8.67
C ALA B 90 14.72 23.29 8.06
N ASP B 91 15.18 22.87 6.89
CA ASP B 91 14.67 21.69 6.20
C ASP B 91 15.27 20.39 6.73
N THR B 92 16.01 20.44 7.83
CA THR B 92 16.61 19.25 8.42
C THR B 92 15.51 18.46 9.13
N ALA B 93 14.77 17.69 8.35
CA ALA B 93 13.63 16.93 8.84
C ALA B 93 13.57 15.60 8.11
N VAL B 94 12.54 14.81 8.43
CA VAL B 94 12.29 13.53 7.78
C VAL B 94 11.35 13.75 6.61
N TYR B 95 11.64 13.12 5.48
CA TYR B 95 10.88 13.29 4.25
C TYR B 95 10.20 11.98 3.87
N TYR B 96 9.12 12.11 3.10
CA TYR B 96 8.33 10.97 2.65
C TYR B 96 7.76 11.27 1.27
N CYS B 97 7.55 10.21 0.49
CA CYS B 97 6.86 10.29 -0.79
C CYS B 97 5.68 9.33 -0.78
N ALA B 98 4.59 9.73 -1.43
CA ALA B 98 3.38 8.94 -1.43
C ALA B 98 2.52 9.33 -2.62
N ARG B 99 1.69 8.40 -3.06
CA ARG B 99 0.79 8.62 -4.19
C ARG B 99 -0.63 8.87 -3.72
N ASP B 100 -1.46 9.34 -4.64
CA ASP B 100 -2.89 9.55 -4.36
C ASP B 100 -3.65 9.32 -5.67
N PRO B 101 -4.33 8.18 -5.79
CA PRO B 101 -5.00 7.85 -7.06
C PRO B 101 -6.21 8.73 -7.36
N GLY B 102 -6.64 9.57 -6.42
CA GLY B 102 -7.80 10.39 -6.65
C GLY B 102 -9.06 9.56 -6.82
N PHE B 103 -9.94 10.02 -7.71
CA PHE B 103 -11.16 9.31 -8.07
C PHE B 103 -11.17 9.26 -9.60
N THR B 104 -10.50 8.26 -10.15
CA THR B 104 -10.29 8.14 -11.59
C THR B 104 -11.14 7.00 -12.12
N ILE B 105 -12.30 7.32 -12.67
CA ILE B 105 -13.25 6.30 -13.15
C ILE B 105 -12.83 5.98 -14.57
N PHE B 106 -11.86 5.08 -14.70
CA PHE B 106 -11.36 4.58 -15.98
C PHE B 106 -11.02 5.72 -16.93
N GLY B 107 -10.08 6.56 -16.50
CA GLY B 107 -9.66 7.72 -17.26
C GLY B 107 -10.42 8.98 -16.94
N VAL B 108 -11.72 8.87 -16.68
CA VAL B 108 -12.54 10.02 -16.29
C VAL B 108 -12.10 10.44 -14.90
N VAL B 109 -11.48 11.62 -14.80
CA VAL B 109 -10.90 12.10 -13.56
C VAL B 109 -11.92 13.01 -12.89
N ILE B 110 -12.64 12.47 -11.90
CA ILE B 110 -13.56 13.27 -11.11
C ILE B 110 -12.79 14.30 -10.28
N THR B 111 -11.86 13.82 -9.45
CA THR B 111 -10.98 14.68 -8.68
C THR B 111 -9.66 13.95 -8.48
N SER B 112 -8.55 14.64 -8.80
CA SER B 112 -7.23 14.05 -8.76
C SER B 112 -6.53 14.25 -7.42
N TRP B 113 -7.29 14.44 -6.33
CA TRP B 113 -6.72 14.64 -5.00
C TRP B 113 -7.61 13.90 -3.99
N SER B 114 -7.24 12.66 -3.69
CA SER B 114 -7.90 11.87 -2.65
C SER B 114 -6.88 11.47 -1.60
N GLY B 115 -7.30 10.59 -0.68
CA GLY B 115 -6.40 10.16 0.37
C GLY B 115 -5.19 9.43 -0.19
N LEU B 116 -4.03 9.71 0.39
CA LEU B 116 -2.78 9.08 -0.01
C LEU B 116 -2.74 7.66 0.54
N ASP B 117 -2.87 6.67 -0.36
CA ASP B 117 -3.07 5.30 0.10
C ASP B 117 -1.78 4.68 0.63
N SER B 118 -0.70 4.74 -0.16
CA SER B 118 0.57 4.12 0.21
C SER B 118 1.64 5.19 0.32
N TRP B 119 2.55 5.02 1.27
CA TRP B 119 3.61 5.97 1.54
C TRP B 119 4.97 5.30 1.35
N GLY B 120 6.04 6.03 1.70
CA GLY B 120 7.39 5.54 1.57
C GLY B 120 7.92 4.92 2.85
N GLN B 121 9.09 4.30 2.74
CA GLN B 121 9.71 3.64 3.88
C GLN B 121 10.19 4.66 4.91
N GLY B 122 10.82 5.73 4.46
CA GLY B 122 11.34 6.77 5.33
C GLY B 122 12.72 7.21 4.89
N ALA B 123 13.01 8.50 5.10
CA ALA B 123 14.30 9.07 4.71
C ALA B 123 14.58 10.27 5.61
N VAL B 124 15.72 10.24 6.29
CA VAL B 124 16.12 11.30 7.21
C VAL B 124 17.22 12.14 6.56
N VAL B 125 17.13 13.45 6.72
CA VAL B 125 18.09 14.39 6.16
C VAL B 125 18.50 15.37 7.25
N THR B 126 19.79 15.66 7.34
CA THR B 126 20.35 16.60 8.32
C THR B 126 21.12 17.67 7.57
N VAL B 127 20.52 18.85 7.40
CA VAL B 127 21.16 19.98 6.74
C VAL B 127 22.08 20.63 7.79
N SER B 128 23.36 20.28 7.76
CA SER B 128 24.31 20.80 8.73
C SER B 128 25.71 20.70 8.16
N SER B 129 26.62 21.48 8.73
CA SER B 129 28.03 21.49 8.34
C SER B 129 28.82 20.70 9.39
N ALA B 130 28.86 19.39 9.21
CA ALA B 130 29.58 18.51 10.14
C ALA B 130 29.93 17.22 9.40
N SER B 131 31.22 16.88 9.41
CA SER B 131 31.67 15.67 8.74
C SER B 131 31.06 14.44 9.37
N THR B 132 30.57 13.52 8.52
CA THR B 132 29.94 12.30 9.00
C THR B 132 30.96 11.42 9.70
N LYS B 133 30.74 11.15 10.98
CA LYS B 133 31.65 10.35 11.79
C LYS B 133 31.04 8.98 12.08
N GLY B 134 31.88 7.95 12.07
CA GLY B 134 31.43 6.60 12.29
C GLY B 134 30.86 6.38 13.68
N PRO B 135 30.10 5.30 13.85
CA PRO B 135 29.52 5.00 15.18
C PRO B 135 30.48 4.27 16.10
N SER B 136 30.01 3.95 17.31
CA SER B 136 30.81 3.20 18.28
C SER B 136 29.87 2.40 19.16
N VAL B 137 29.90 1.09 19.02
CA VAL B 137 29.03 0.22 19.81
C VAL B 137 29.79 -0.36 20.99
N PRO B 139 29.17 -2.43 24.48
CA PRO B 139 28.22 -3.36 25.08
C PRO B 139 27.77 -2.94 26.47
N LEU B 140 26.89 -3.74 27.09
CA LEU B 140 26.39 -3.44 28.42
C LEU B 140 26.38 -4.69 29.30
N CYS B 156 23.47 -3.33 23.96
CA CYS B 156 24.70 -2.63 23.61
C CYS B 156 24.44 -1.15 23.34
N LEU B 157 25.33 -0.30 23.87
CA LEU B 157 25.18 1.15 23.74
C LEU B 157 25.91 1.64 22.51
N VAL B 158 25.20 2.38 21.66
CA VAL B 158 25.76 2.98 20.45
C VAL B 158 25.84 4.47 20.68
N LYS B 159 27.06 4.99 20.80
CA LYS B 159 27.29 6.40 21.08
C LYS B 159 28.39 6.92 20.16
N ASP B 160 28.54 8.25 20.16
CA ASP B 160 29.56 8.93 19.37
C ASP B 160 29.43 8.61 17.88
N TYR B 161 28.28 9.00 17.32
CA TYR B 161 28.00 8.77 15.92
C TYR B 161 27.35 10.02 15.32
N PHE B 162 27.43 10.13 13.99
CA PHE B 162 26.82 11.21 13.24
C PHE B 162 26.83 10.87 11.75
N PRO B 163 25.72 11.10 11.03
CA PRO B 163 24.46 11.61 11.55
C PRO B 163 23.48 10.50 11.94
N GLU B 164 22.25 10.89 12.26
CA GLU B 164 21.16 9.99 12.60
C GLU B 164 20.40 9.58 11.35
N PRO B 165 19.63 8.47 11.40
CA PRO B 165 19.40 7.56 12.52
C PRO B 165 20.25 6.29 12.46
N VAL B 166 19.98 5.35 13.36
CA VAL B 166 20.68 4.07 13.44
C VAL B 166 19.65 2.96 13.62
N THR B 167 19.89 1.83 12.97
CA THR B 167 19.01 0.66 13.07
C THR B 167 19.75 -0.43 13.83
N VAL B 168 19.21 -0.82 14.97
CA VAL B 168 19.77 -1.87 15.81
C VAL B 168 18.83 -3.07 15.78
N SER B 169 19.39 -4.25 15.51
CA SER B 169 18.63 -5.49 15.48
C SER B 169 19.31 -6.53 16.35
N TRP B 170 18.52 -7.26 17.13
CA TRP B 170 19.04 -8.26 18.05
C TRP B 170 18.90 -9.65 17.43
N ASN B 171 20.02 -10.37 17.39
CA ASN B 171 20.06 -11.73 16.81
C ASN B 171 19.57 -11.71 15.36
N SER B 172 20.10 -10.76 14.59
CA SER B 172 19.74 -10.58 13.18
C SER B 172 18.24 -10.37 13.01
N GLY B 173 17.60 -9.72 13.97
CA GLY B 173 16.18 -9.46 13.93
C GLY B 173 15.31 -10.54 14.52
N ALA B 174 15.88 -11.69 14.88
CA ALA B 174 15.08 -12.77 15.46
C ALA B 174 14.59 -12.43 16.86
N LEU B 175 15.21 -11.47 17.53
CA LEU B 175 14.81 -11.04 18.87
C LEU B 175 14.17 -9.66 18.77
N THR B 176 12.86 -9.61 18.94
CA THR B 176 12.10 -8.36 18.88
C THR B 176 11.33 -8.07 20.15
N SER B 177 10.76 -9.08 20.79
CA SER B 177 10.01 -8.87 22.02
C SER B 177 10.95 -8.55 23.17
N GLY B 178 10.55 -7.58 24.00
CA GLY B 178 11.34 -7.15 25.12
C GLY B 178 12.38 -6.09 24.79
N VAL B 179 12.89 -6.08 23.56
CA VAL B 179 13.87 -5.09 23.15
C VAL B 179 13.21 -3.73 23.06
N HIS B 180 13.88 -2.70 23.61
CA HIS B 180 13.33 -1.36 23.62
C HIS B 180 14.49 -0.38 23.50
N THR B 181 14.70 0.13 22.29
CA THR B 181 15.77 1.10 22.05
C THR B 181 15.30 2.51 22.39
N PHE B 182 16.16 3.27 23.05
CA PHE B 182 15.85 4.60 23.54
C PHE B 182 16.16 5.65 22.49
N PRO B 183 15.54 6.82 22.57
CA PRO B 183 15.83 7.89 21.60
C PRO B 183 17.27 8.37 21.69
N ALA B 184 17.73 8.99 20.61
CA ALA B 184 19.09 9.48 20.52
C ALA B 184 19.18 10.90 21.05
N VAL B 185 20.10 11.13 21.98
CA VAL B 185 20.34 12.44 22.58
C VAL B 185 21.65 12.98 22.03
N LEU B 186 21.62 14.23 21.56
CA LEU B 186 22.81 14.88 21.04
C LEU B 186 23.68 15.37 22.19
N GLN B 187 24.91 14.87 22.26
CA GLN B 187 25.84 15.30 23.29
C GLN B 187 26.25 16.75 23.07
N SER B 188 26.99 17.29 24.03
CA SER B 188 27.54 18.63 23.88
C SER B 188 28.58 18.71 22.78
N SER B 189 29.20 17.59 22.43
CA SER B 189 30.18 17.54 21.36
C SER B 189 29.55 17.41 19.98
N GLY B 190 28.21 17.46 19.88
CA GLY B 190 27.52 17.31 18.62
C GLY B 190 27.20 15.88 18.25
N LEU B 191 28.06 14.93 18.61
CA LEU B 191 27.80 13.54 18.28
C LEU B 191 26.62 13.01 19.08
N TYR B 192 25.76 12.25 18.41
CA TYR B 192 24.59 11.67 19.06
C TYR B 192 24.99 10.44 19.87
N SER B 193 24.12 10.06 20.80
CA SER B 193 24.36 8.91 21.66
C SER B 193 23.03 8.32 22.11
N LEU B 194 22.91 7.01 22.01
CA LEU B 194 21.71 6.31 22.44
C LEU B 194 22.06 5.10 23.29
N SER B 195 21.07 4.28 23.61
CA SER B 195 21.29 3.04 24.35
C SER B 195 20.25 2.02 23.90
N SER B 196 20.69 0.78 23.74
CA SER B 196 19.81 -0.31 23.32
C SER B 196 20.02 -1.48 24.27
N VAL B 197 19.03 -1.72 25.13
CA VAL B 197 19.09 -2.80 26.11
C VAL B 197 17.82 -3.64 26.00
N VAL B 198 17.97 -4.95 26.06
CA VAL B 198 16.87 -5.90 25.93
C VAL B 198 16.82 -6.77 27.17
N THR B 199 15.61 -7.15 27.58
CA THR B 199 15.39 -7.99 28.74
C THR B 199 15.25 -9.44 28.28
N VAL B 200 16.10 -10.31 28.80
CA VAL B 200 16.06 -11.74 28.49
C VAL B 200 16.04 -12.52 29.80
N PRO B 201 15.58 -13.77 29.77
CA PRO B 201 15.58 -14.57 31.00
C PRO B 201 16.98 -14.71 31.58
N SER B 202 17.06 -14.69 32.91
CA SER B 202 18.35 -14.83 33.58
C SER B 202 18.97 -16.21 33.34
N SER B 203 18.14 -17.22 33.09
CA SER B 203 18.67 -18.55 32.81
C SER B 203 19.32 -18.62 31.43
N SER B 204 18.88 -17.78 30.49
CA SER B 204 19.45 -17.78 29.15
C SER B 204 20.78 -17.04 29.07
N LEU B 205 21.08 -16.20 30.06
CA LEU B 205 22.36 -15.48 30.08
C LEU B 205 23.50 -16.46 30.27
N GLY B 206 24.31 -16.64 29.23
CA GLY B 206 25.41 -17.58 29.25
C GLY B 206 25.19 -18.82 28.41
N THR B 207 23.97 -19.04 27.91
CA THR B 207 23.67 -20.20 27.08
C THR B 207 23.34 -19.78 25.65
N THR B 209 23.36 -18.16 22.07
CA THR B 209 24.08 -16.94 22.37
C THR B 209 23.27 -15.71 22.01
N TYR B 210 23.90 -14.54 22.10
CA TYR B 210 23.22 -13.28 21.78
C TYR B 210 24.26 -12.26 21.33
N ILE B 211 23.85 -11.41 20.40
CA ILE B 211 24.71 -10.35 19.88
C ILE B 211 23.83 -9.31 19.21
N CYS B 212 24.17 -8.04 19.43
CA CYS B 212 23.42 -6.93 18.82
C CYS B 212 23.99 -6.63 17.44
N ASN B 213 23.11 -6.55 16.46
CA ASN B 213 23.49 -6.26 15.07
C ASN B 213 23.11 -4.83 14.74
N VAL B 214 24.08 -4.05 14.28
CA VAL B 214 23.89 -2.64 14.00
C VAL B 214 24.37 -2.35 12.58
N ASN B 215 23.69 -1.43 11.90
CA ASN B 215 24.05 -1.02 10.55
C ASN B 215 23.87 0.49 10.45
N HIS B 216 24.97 1.21 10.25
CA HIS B 216 24.95 2.66 10.12
C HIS B 216 25.10 3.00 8.63
N LYS B 217 23.98 3.10 7.93
CA LYS B 217 24.00 3.39 6.51
C LYS B 217 24.67 4.72 6.16
N PRO B 218 24.51 5.81 6.93
CA PRO B 218 25.22 7.05 6.56
C PRO B 218 26.72 6.89 6.43
N SER B 219 27.34 6.13 7.33
CA SER B 219 28.78 5.89 7.25
C SER B 219 29.13 4.55 6.61
N ASN B 220 28.15 3.69 6.39
CA ASN B 220 28.35 2.36 5.80
C ASN B 220 29.37 1.55 6.61
N THR B 221 29.00 1.29 7.87
CA THR B 221 29.86 0.57 8.80
C THR B 221 29.00 -0.37 9.64
N LYS B 222 29.09 -1.66 9.34
CA LYS B 222 28.38 -2.66 10.12
C LYS B 222 29.13 -2.98 11.41
N VAL B 223 28.37 -3.27 12.46
CA VAL B 223 28.92 -3.66 13.76
C VAL B 223 28.09 -4.81 14.32
N ASP B 224 28.75 -5.86 14.77
CA ASP B 224 28.06 -6.97 15.40
C ASP B 224 28.55 -7.18 16.84
N GLU C 1 -32.77 2.48 -8.94
CA GLU C 1 -32.54 1.26 -8.18
C GLU C 1 -31.11 1.20 -7.68
N ALA C 2 -30.91 0.58 -6.52
CA ALA C 2 -29.59 0.41 -5.91
C ALA C 2 -29.07 -0.99 -6.15
N ILE C 3 -27.81 -1.20 -5.76
CA ILE C 3 -27.14 -2.48 -5.93
C ILE C 3 -26.62 -2.94 -4.57
N VAL C 4 -26.76 -4.23 -4.28
CA VAL C 4 -26.29 -4.82 -3.04
C VAL C 4 -25.21 -5.85 -3.38
N ASN C 5 -24.05 -5.74 -2.73
CA ASN C 5 -22.95 -6.65 -2.98
C ASN C 5 -23.24 -8.02 -2.37
N ALA C 6 -23.78 -8.93 -3.18
CA ALA C 6 -24.09 -10.27 -2.74
C ALA C 6 -22.96 -11.26 -2.92
N GLN C 7 -21.85 -10.83 -3.53
CA GLN C 7 -20.71 -11.72 -3.70
C GLN C 7 -20.12 -12.08 -2.35
N PRO C 8 -19.49 -13.26 -2.23
CA PRO C 8 -18.88 -13.62 -0.94
C PRO C 8 -17.87 -12.61 -0.44
N LYS C 9 -16.91 -12.23 -1.29
CA LYS C 9 -15.90 -11.24 -0.93
C LYS C 9 -15.94 -10.09 -1.92
N CYS C 10 -15.33 -8.97 -1.52
CA CYS C 10 -15.21 -7.81 -2.40
C CYS C 10 -13.86 -7.15 -2.15
N ASN C 11 -13.09 -6.97 -3.22
CA ASN C 11 -11.84 -6.24 -3.14
C ASN C 11 -12.15 -4.76 -3.30
N PRO C 12 -12.04 -3.95 -2.24
CA PRO C 12 -12.46 -2.54 -2.35
C PRO C 12 -11.61 -1.75 -3.33
N ASN C 13 -10.34 -2.08 -3.50
CA ASN C 13 -9.47 -1.37 -4.42
C ASN C 13 -9.51 -2.02 -5.79
N LEU C 14 -9.78 -1.22 -6.82
CA LEU C 14 -9.89 -1.70 -8.20
C LEU C 14 -8.72 -1.16 -9.00
N HIS C 15 -7.66 -1.97 -9.10
CA HIS C 15 -6.52 -1.64 -9.94
C HIS C 15 -6.89 -1.92 -11.39
N TYR C 16 -7.15 -0.86 -12.16
CA TYR C 16 -7.64 -1.00 -13.52
C TYR C 16 -6.58 -0.62 -14.54
N TRP C 17 -6.82 -1.03 -15.78
CA TRP C 17 -5.96 -0.72 -16.91
C TRP C 17 -6.83 -0.29 -18.09
N THR C 18 -6.40 0.74 -18.81
CA THR C 18 -7.14 1.23 -19.96
C THR C 18 -6.17 1.93 -20.89
N THR C 19 -6.66 2.30 -22.06
CA THR C 19 -5.86 2.94 -23.09
C THR C 19 -6.10 4.44 -23.08
N GLN C 20 -5.05 5.20 -23.38
CA GLN C 20 -5.13 6.65 -23.54
C GLN C 20 -5.33 6.95 -25.02
N ASP C 21 -6.59 7.19 -25.41
CA ASP C 21 -6.89 7.51 -26.80
C ASP C 21 -6.29 8.84 -27.26
N GLU C 22 -5.79 9.65 -26.33
CA GLU C 22 -5.17 10.93 -26.67
C GLU C 22 -3.76 11.03 -26.09
N GLY C 23 -3.07 9.89 -25.98
CA GLY C 23 -1.66 9.91 -25.62
C GLY C 23 -0.82 10.37 -26.78
N ALA C 24 -0.94 11.65 -27.13
CA ALA C 24 -0.39 12.16 -28.37
C ALA C 24 1.14 12.15 -28.36
N ALA C 25 1.74 12.88 -27.42
CA ALA C 25 3.18 13.10 -27.39
C ALA C 25 3.65 13.68 -28.72
N ILE C 26 3.16 14.91 -28.97
CA ILE C 26 3.33 15.58 -30.25
C ILE C 26 4.74 15.43 -30.76
N GLY C 27 4.86 15.01 -32.02
CA GLY C 27 6.14 14.70 -32.63
C GLY C 27 6.05 13.41 -33.41
N LEU C 28 6.85 12.41 -33.01
CA LEU C 28 6.82 11.07 -33.62
C LEU C 28 6.69 10.06 -32.48
N ALA C 29 5.46 9.84 -32.02
CA ALA C 29 5.18 8.82 -31.03
C ALA C 29 3.95 8.01 -31.45
N TRP C 30 3.08 8.64 -32.23
CA TRP C 30 1.85 8.00 -32.70
C TRP C 30 2.06 7.14 -33.94
N ILE C 31 3.24 7.17 -34.53
CA ILE C 31 3.52 6.33 -35.71
C ILE C 31 3.57 4.87 -35.28
N PRO C 32 2.83 3.98 -35.94
CA PRO C 32 2.86 2.57 -35.52
C PRO C 32 4.25 1.95 -35.59
N TYR C 33 5.07 2.36 -36.56
CA TYR C 33 6.43 1.84 -36.65
C TYR C 33 7.25 2.28 -35.44
N PHE C 34 7.09 3.53 -35.01
CA PHE C 34 7.84 4.07 -33.88
C PHE C 34 7.05 4.07 -32.58
N GLY C 35 5.78 3.67 -32.62
CA GLY C 35 4.97 3.65 -31.42
C GLY C 35 5.27 2.47 -30.54
N PRO C 36 4.52 2.37 -29.44
CA PRO C 36 4.73 1.26 -28.51
C PRO C 36 4.34 -0.07 -29.12
N ALA C 37 4.62 -1.13 -28.37
CA ALA C 37 4.27 -2.47 -28.77
C ALA C 37 2.86 -2.80 -28.29
N ALA C 38 2.44 -4.05 -28.46
CA ALA C 38 1.11 -4.47 -28.04
C ALA C 38 0.94 -4.51 -26.52
N GLU C 39 2.01 -4.26 -25.77
CA GLU C 39 1.95 -4.33 -24.31
C GLU C 39 2.07 -2.98 -23.62
N GLY C 40 2.63 -1.97 -24.27
CA GLY C 40 2.82 -0.68 -23.65
C GLY C 40 1.84 0.38 -24.11
N ILE C 41 0.64 -0.04 -24.52
CA ILE C 41 -0.39 0.90 -24.96
C ILE C 41 -1.34 1.32 -23.85
N TYR C 42 -1.20 0.74 -22.66
CA TYR C 42 -2.14 0.96 -21.57
C TYR C 42 -1.59 1.98 -20.58
N THR C 43 -2.50 2.49 -19.74
CA THR C 43 -2.16 3.38 -18.64
C THR C 43 -2.98 2.97 -17.44
N GLU C 44 -2.31 2.56 -16.37
CA GLU C 44 -2.98 1.97 -15.22
C GLU C 44 -3.73 3.04 -14.42
N GLY C 45 -4.38 2.59 -13.37
CA GLY C 45 -5.14 3.48 -12.51
C GLY C 45 -5.78 2.70 -11.38
N LEU C 46 -6.09 3.42 -10.30
CA LEU C 46 -6.68 2.80 -9.12
C LEU C 46 -7.96 3.53 -8.74
N MET C 47 -8.92 2.75 -8.23
CA MET C 47 -10.22 3.27 -7.81
C MET C 47 -10.52 2.75 -6.41
N HIS C 48 -10.51 3.66 -5.43
CA HIS C 48 -10.90 3.29 -4.08
C HIS C 48 -12.40 3.04 -3.99
N ASN C 49 -12.80 2.20 -3.04
CA ASN C 49 -14.21 1.88 -2.82
C ASN C 49 -14.89 3.01 -2.07
N GLN C 50 -15.09 4.11 -2.79
CA GLN C 50 -15.71 5.30 -2.19
C GLN C 50 -17.23 5.13 -2.20
N ASP C 51 -17.82 5.11 -1.01
CA ASP C 51 -19.27 4.98 -0.83
C ASP C 51 -19.79 3.68 -1.43
N GLY C 52 -19.07 2.58 -1.19
CA GLY C 52 -19.49 1.29 -1.66
C GLY C 52 -19.64 1.17 -3.15
N LEU C 53 -18.84 1.92 -3.91
CA LEU C 53 -18.97 1.89 -5.36
C LEU C 53 -18.38 0.62 -5.96
N ILE C 54 -17.20 0.21 -5.49
CA ILE C 54 -16.51 -0.92 -6.11
C ILE C 54 -17.24 -2.22 -5.82
N CYS C 55 -17.74 -2.40 -4.60
CA CYS C 55 -18.53 -3.59 -4.30
C CYS C 55 -19.87 -3.55 -5.03
N GLY C 56 -20.48 -2.37 -5.13
CA GLY C 56 -21.68 -2.24 -5.93
C GLY C 56 -21.46 -2.37 -7.42
N LEU C 57 -20.19 -2.33 -7.86
CA LEU C 57 -19.86 -2.49 -9.27
C LEU C 57 -19.59 -3.94 -9.63
N ARG C 58 -18.91 -4.69 -8.77
CA ARG C 58 -18.63 -6.09 -9.05
C ARG C 58 -19.89 -6.94 -9.08
N GLN C 59 -20.99 -6.44 -8.51
CA GLN C 59 -22.27 -7.13 -8.58
C GLN C 59 -23.03 -6.80 -9.86
N LEU C 60 -22.89 -5.58 -10.36
CA LEU C 60 -23.54 -5.21 -11.62
C LEU C 60 -23.06 -6.07 -12.77
N ALA C 61 -21.75 -6.38 -12.81
CA ALA C 61 -21.22 -7.21 -13.87
C ALA C 61 -21.63 -8.66 -13.70
N ASN C 62 -21.69 -9.14 -12.46
CA ASN C 62 -22.17 -10.50 -12.21
C ASN C 62 -23.63 -10.64 -12.57
N GLU C 63 -24.40 -9.55 -12.52
CA GLU C 63 -25.81 -9.58 -12.88
C GLU C 63 -26.04 -9.29 -14.36
N THR C 64 -25.22 -8.43 -14.96
CA THR C 64 -25.32 -8.16 -16.40
C THR C 64 -25.01 -9.40 -17.22
N THR C 65 -24.28 -10.36 -16.65
CA THR C 65 -23.86 -11.55 -17.38
C THR C 65 -25.03 -12.28 -18.00
N GLN C 66 -26.17 -12.32 -17.31
CA GLN C 66 -27.32 -13.07 -17.80
C GLN C 66 -27.89 -12.42 -19.06
N ALA C 67 -28.28 -11.15 -18.98
CA ALA C 67 -28.84 -10.47 -20.14
C ALA C 67 -27.83 -10.35 -21.27
N LEU C 68 -26.55 -10.20 -20.93
CA LEU C 68 -25.51 -10.13 -21.94
C LEU C 68 -25.29 -11.48 -22.63
N GLN C 69 -25.44 -12.57 -21.87
CA GLN C 69 -25.25 -13.90 -22.46
C GLN C 69 -26.34 -14.22 -23.46
N LEU C 70 -27.59 -13.84 -23.16
CA LEU C 70 -28.68 -14.07 -24.10
C LEU C 70 -28.55 -13.19 -25.33
N PHE C 71 -28.00 -11.98 -25.17
CA PHE C 71 -27.80 -11.11 -26.32
C PHE C 71 -26.77 -11.68 -27.28
N LEU C 72 -25.74 -12.33 -26.75
CA LEU C 72 -24.71 -12.92 -27.61
C LEU C 72 -25.24 -14.15 -28.34
N ARG C 73 -26.09 -14.94 -27.67
CA ARG C 73 -26.66 -16.12 -28.31
C ARG C 73 -27.57 -15.74 -29.47
N ALA C 74 -28.18 -14.56 -29.41
CA ALA C 74 -29.08 -14.13 -30.48
C ALA C 74 -28.30 -13.73 -31.72
N THR C 75 -27.34 -12.81 -31.56
CA THR C 75 -26.59 -12.33 -32.70
C THR C 75 -25.64 -13.41 -33.22
N THR C 76 -25.30 -13.29 -34.50
CA THR C 76 -24.35 -14.19 -35.15
C THR C 76 -22.97 -13.55 -35.33
N GLU C 77 -22.76 -12.36 -34.78
CA GLU C 77 -21.47 -11.70 -34.90
C GLU C 77 -20.44 -12.44 -34.06
N LEU C 78 -19.39 -12.95 -34.71
CA LEU C 78 -18.31 -13.59 -33.97
C LEU C 78 -17.65 -12.62 -32.99
N ARG C 79 -17.71 -11.32 -33.29
CA ARG C 79 -17.18 -10.27 -32.42
C ARG C 79 -18.20 -9.14 -32.39
N THR C 80 -18.80 -8.91 -31.23
CA THR C 80 -19.89 -7.95 -31.08
C THR C 80 -19.37 -6.67 -30.42
N PHE C 81 -19.51 -5.55 -31.11
CA PHE C 81 -19.08 -4.25 -30.61
C PHE C 81 -20.20 -3.23 -30.48
N SER C 82 -21.28 -3.39 -31.23
CA SER C 82 -22.35 -2.39 -31.28
C SER C 82 -23.15 -2.28 -29.99
N ILE C 83 -22.82 -3.07 -28.96
CA ILE C 83 -23.60 -3.02 -27.72
C ILE C 83 -23.56 -1.63 -27.12
N LEU C 84 -22.40 -0.99 -27.16
CA LEU C 84 -22.28 0.37 -26.64
C LEU C 84 -23.11 1.35 -27.47
N ASN C 85 -22.98 1.28 -28.80
CA ASN C 85 -23.74 2.18 -29.67
C ASN C 85 -25.23 1.87 -29.66
N ARG C 86 -25.61 0.65 -29.30
CA ARG C 86 -27.03 0.31 -29.22
C ARG C 86 -27.74 1.17 -28.18
N LYS C 87 -27.24 1.15 -26.94
CA LYS C 87 -27.84 1.97 -25.89
C LYS C 87 -27.71 3.46 -26.18
N ALA C 88 -26.71 3.84 -26.98
CA ALA C 88 -26.56 5.25 -27.34
C ALA C 88 -27.73 5.74 -28.19
N ILE C 89 -28.18 4.90 -29.13
CA ILE C 89 -29.30 5.30 -29.98
C ILE C 89 -30.63 5.15 -29.23
N ASP C 90 -30.77 4.08 -28.44
CA ASP C 90 -32.00 3.88 -27.69
C ASP C 90 -32.29 5.05 -26.76
N PHE C 91 -31.23 5.65 -26.19
CA PHE C 91 -31.42 6.82 -25.34
C PHE C 91 -32.04 7.97 -26.11
N LEU C 92 -31.55 8.22 -27.33
CA LEU C 92 -32.13 9.27 -28.16
C LEU C 92 -33.55 8.91 -28.60
N LEU C 93 -33.78 7.64 -28.95
CA LEU C 93 -35.11 7.22 -29.35
C LEU C 93 -36.10 7.30 -28.19
N GLN C 94 -35.66 6.94 -26.98
CA GLN C 94 -36.54 7.03 -25.82
C GLN C 94 -36.99 8.47 -25.57
N ARG C 95 -36.16 9.44 -25.91
CA ARG C 95 -36.49 10.85 -25.70
C ARG C 95 -36.98 11.55 -26.96
N TRP C 96 -36.66 11.02 -28.14
CA TRP C 96 -37.02 11.68 -29.40
C TRP C 96 -37.52 10.66 -30.41
N GLY C 97 -38.25 9.65 -29.95
CA GLY C 97 -38.74 8.60 -30.83
C GLY C 97 -39.92 9.02 -31.67
N GLY C 98 -40.80 9.84 -31.11
CA GLY C 98 -41.97 10.34 -31.82
C GLY C 98 -42.02 11.85 -31.72
N THR C 99 -43.24 12.37 -31.55
CA THR C 99 -43.42 13.80 -31.38
C THR C 99 -42.95 14.21 -29.97
N CYS C 100 -42.98 15.52 -29.72
CA CYS C 100 -42.57 16.05 -28.43
C CYS C 100 -43.31 17.34 -28.16
N HIS C 101 -43.27 17.76 -26.89
CA HIS C 101 -43.88 18.99 -26.42
C HIS C 101 -43.54 19.14 -24.94
N ILE C 102 -43.65 20.36 -24.43
CA ILE C 102 -43.50 20.60 -22.99
C ILE C 102 -44.89 20.41 -22.39
N LEU C 103 -45.26 19.15 -22.19
CA LEU C 103 -46.54 18.81 -21.58
C LEU C 103 -46.48 17.65 -20.60
N GLY C 104 -45.49 16.76 -20.70
CA GLY C 104 -45.43 15.60 -19.83
C GLY C 104 -44.02 15.09 -19.63
N PRO C 105 -43.91 13.88 -19.07
CA PRO C 105 -42.60 13.31 -18.74
C PRO C 105 -41.89 12.60 -19.88
N ASP C 106 -42.57 12.30 -20.98
CA ASP C 106 -41.94 11.58 -22.08
C ASP C 106 -40.82 12.39 -22.72
N CYS C 107 -41.05 13.68 -22.95
CA CYS C 107 -40.05 14.56 -23.53
C CYS C 107 -39.48 15.49 -22.47
N CYS C 108 -38.25 15.94 -22.71
CA CYS C 108 -37.51 16.76 -21.75
C CYS C 108 -37.27 18.14 -22.36
N ILE C 109 -38.18 19.07 -22.11
CA ILE C 109 -38.02 20.46 -22.48
C ILE C 109 -38.49 21.34 -21.31
N GLU C 110 -37.72 22.38 -21.02
CA GLU C 110 -38.02 23.29 -19.92
C GLU C 110 -37.89 24.74 -20.38
N PRO C 111 -38.83 25.21 -21.22
CA PRO C 111 -38.79 26.60 -21.70
C PRO C 111 -39.44 27.56 -20.71
N HIS C 112 -38.68 27.95 -19.69
CA HIS C 112 -39.20 28.82 -18.65
C HIS C 112 -39.63 30.18 -19.21
N ASP C 113 -38.91 30.68 -20.21
CA ASP C 113 -39.24 31.96 -20.83
C ASP C 113 -40.52 31.86 -21.64
N SER D 1 -33.01 -4.93 -21.92
CA SER D 1 -32.44 -6.24 -21.67
C SER D 1 -31.17 -6.13 -20.81
N ILE D 2 -30.09 -5.71 -21.45
CA ILE D 2 -28.80 -5.59 -20.77
C ILE D 2 -28.82 -4.33 -19.91
N PRO D 3 -28.48 -4.41 -18.62
CA PRO D 3 -28.55 -3.23 -17.75
C PRO D 3 -27.26 -2.43 -17.76
N LEU D 4 -27.43 -1.11 -17.66
CA LEU D 4 -26.32 -0.18 -17.60
C LEU D 4 -26.30 0.53 -16.26
N GLY D 5 -25.11 1.02 -15.88
CA GLY D 5 -24.96 1.71 -14.62
C GLY D 5 -24.46 3.13 -14.77
N VAL D 6 -25.29 4.11 -14.41
CA VAL D 6 -24.96 5.52 -14.51
C VAL D 6 -24.47 5.98 -13.15
N ILE D 7 -23.19 6.36 -13.07
CA ILE D 7 -22.61 6.83 -11.82
C ILE D 7 -23.14 8.23 -11.53
N HIS D 8 -23.74 8.41 -10.36
CA HIS D 8 -24.35 9.67 -9.97
C HIS D 8 -23.66 10.18 -8.70
N ASN D 9 -22.53 10.86 -8.90
CA ASN D 9 -21.98 11.82 -7.94
C ASN D 9 -21.39 11.18 -6.68
N SER D 10 -21.76 9.94 -6.38
CA SER D 10 -21.13 9.19 -5.29
C SER D 10 -20.85 7.75 -5.69
N THR D 11 -21.78 7.16 -6.43
CA THR D 11 -21.77 5.73 -6.73
C THR D 11 -22.64 5.51 -7.96
N LEU D 12 -22.98 4.25 -8.22
CA LEU D 12 -23.68 3.84 -9.44
C LEU D 12 -25.13 3.49 -9.13
N GLN D 13 -25.95 3.54 -10.18
CA GLN D 13 -27.35 3.16 -10.11
C GLN D 13 -27.76 2.59 -11.45
N VAL D 14 -28.67 1.62 -11.43
CA VAL D 14 -29.10 0.92 -12.64
C VAL D 14 -30.29 1.64 -13.24
N SER D 15 -30.19 1.97 -14.53
CA SER D 15 -31.26 2.63 -15.25
C SER D 15 -31.20 2.18 -16.71
N ASP D 16 -32.32 1.71 -17.22
CA ASP D 16 -32.37 1.11 -18.56
C ASP D 16 -33.75 1.39 -19.15
N VAL D 17 -34.15 0.59 -20.14
CA VAL D 17 -35.34 0.79 -20.96
C VAL D 17 -36.52 1.28 -20.14
N ASP D 18 -36.72 0.69 -18.96
CA ASP D 18 -37.84 1.10 -18.11
C ASP D 18 -37.57 2.43 -17.41
N LYS D 19 -36.33 2.65 -16.95
CA LYS D 19 -36.00 3.79 -16.09
C LYS D 19 -35.24 4.84 -16.88
N LEU D 20 -35.80 6.04 -16.97
CA LEU D 20 -35.15 7.15 -17.64
C LEU D 20 -35.71 8.46 -17.11
N VAL D 21 -34.81 9.41 -16.87
CA VAL D 21 -35.18 10.74 -16.38
C VAL D 21 -34.36 11.79 -17.10
N CYS D 22 -34.86 13.02 -17.11
CA CYS D 22 -34.18 14.13 -17.76
C CYS D 22 -32.91 14.55 -17.03
N ARG D 23 -32.72 14.12 -15.78
CA ARG D 23 -31.54 14.51 -15.03
C ARG D 23 -30.26 13.98 -15.67
N ASP D 24 -30.27 12.72 -16.09
CA ASP D 24 -29.10 12.16 -16.77
C ASP D 24 -28.90 12.81 -18.13
N LYS D 25 -27.63 13.04 -18.47
CA LYS D 25 -27.29 13.69 -19.72
C LYS D 25 -26.09 12.98 -20.34
N LEU D 26 -26.24 12.54 -21.59
CA LEU D 26 -25.19 11.84 -22.33
C LEU D 26 -24.84 12.67 -23.55
N SER D 27 -23.77 13.46 -23.46
CA SER D 27 -23.39 14.38 -24.52
C SER D 27 -22.39 13.80 -25.51
N SER D 28 -21.79 12.65 -25.21
CA SER D 28 -20.80 12.07 -26.11
C SER D 28 -20.68 10.58 -25.82
N THR D 29 -20.37 9.81 -26.87
CA THR D 29 -20.21 8.37 -26.72
C THR D 29 -19.01 7.98 -25.87
N ASN D 30 -18.14 8.93 -25.54
CA ASN D 30 -17.01 8.64 -24.65
C ASN D 30 -17.47 8.29 -23.24
N GLN D 31 -18.66 8.75 -22.84
CA GLN D 31 -19.18 8.42 -21.52
C GLN D 31 -19.52 6.93 -21.41
N LEU D 32 -19.98 6.32 -22.49
CA LEU D 32 -20.28 4.89 -22.48
C LEU D 32 -18.97 4.09 -22.44
N ARG D 33 -18.87 3.20 -21.47
CA ARG D 33 -17.69 2.35 -21.33
C ARG D 33 -18.10 0.96 -20.88
N SER D 34 -17.53 -0.06 -21.52
CA SER D 34 -17.77 -1.45 -21.16
C SER D 34 -16.57 -1.95 -20.34
N VAL D 35 -16.82 -2.27 -19.08
CA VAL D 35 -15.77 -2.61 -18.12
C VAL D 35 -15.77 -4.12 -17.91
N GLY D 36 -14.57 -4.71 -17.93
CA GLY D 36 -14.41 -6.12 -17.63
C GLY D 36 -13.74 -6.35 -16.29
N LEU D 37 -14.49 -6.85 -15.32
CA LEU D 37 -13.99 -7.09 -13.97
C LEU D 37 -13.66 -8.56 -13.79
N ASN D 38 -12.54 -8.82 -13.13
CA ASN D 38 -12.11 -10.20 -12.88
C ASN D 38 -12.91 -10.83 -11.74
N LEU D 39 -12.95 -12.17 -11.73
CA LEU D 39 -13.66 -12.90 -10.70
C LEU D 39 -12.93 -12.91 -9.36
N GLU D 40 -11.66 -12.49 -9.34
CA GLU D 40 -10.92 -12.47 -8.09
C GLU D 40 -11.62 -11.62 -7.04
N GLY D 41 -12.19 -10.48 -7.44
CA GLY D 41 -12.88 -9.60 -6.51
C GLY D 41 -14.13 -10.19 -5.90
N ASN D 42 -14.63 -11.30 -6.44
CA ASN D 42 -15.82 -11.94 -5.89
C ASN D 42 -15.50 -12.98 -4.82
N GLY D 43 -14.24 -13.38 -4.68
CA GLY D 43 -13.86 -14.34 -3.67
C GLY D 43 -13.85 -15.79 -4.12
N VAL D 44 -13.79 -16.04 -5.43
CA VAL D 44 -13.76 -17.42 -5.91
C VAL D 44 -12.38 -18.02 -5.67
N ALA D 45 -12.32 -19.34 -5.75
CA ALA D 45 -11.04 -20.03 -5.60
C ALA D 45 -10.16 -19.79 -6.82
N THR D 46 -8.88 -19.52 -6.57
CA THR D 46 -7.97 -19.09 -7.62
C THR D 46 -6.92 -20.13 -8.00
N ASP D 47 -6.73 -21.17 -7.19
CA ASP D 47 -5.73 -22.17 -7.52
C ASP D 47 -6.15 -22.97 -8.75
N VAL D 48 -5.17 -23.65 -9.36
CA VAL D 48 -5.43 -24.42 -10.57
C VAL D 48 -6.45 -25.53 -10.37
N PRO D 49 -6.37 -26.36 -9.30
CA PRO D 49 -7.35 -27.45 -9.17
C PRO D 49 -8.80 -26.98 -9.14
N SER D 50 -9.08 -25.86 -8.47
CA SER D 50 -10.46 -25.40 -8.38
C SER D 50 -10.89 -24.65 -9.64
N ALA D 51 -9.98 -23.91 -10.26
CA ALA D 51 -10.33 -23.16 -11.46
C ALA D 51 -10.75 -24.09 -12.58
N THR D 52 -10.01 -25.18 -12.78
CA THR D 52 -10.35 -26.14 -13.82
C THR D 52 -11.66 -26.87 -13.55
N LYS D 53 -12.14 -26.87 -12.31
CA LYS D 53 -13.44 -27.44 -12.00
C LYS D 53 -14.59 -26.60 -12.54
N ARG D 54 -14.33 -25.37 -12.96
CA ARG D 54 -15.35 -24.48 -13.51
C ARG D 54 -15.38 -24.48 -15.03
N TRP D 55 -14.53 -25.27 -15.68
CA TRP D 55 -14.44 -25.31 -17.13
C TRP D 55 -14.79 -26.70 -17.63
N GLY D 56 -15.48 -26.76 -18.77
CA GLY D 56 -15.86 -28.03 -19.36
C GLY D 56 -16.06 -27.90 -20.85
N PHE D 57 -15.93 -29.03 -21.53
CA PHE D 57 -16.05 -29.07 -22.99
C PHE D 57 -17.50 -29.31 -23.41
N ARG D 58 -17.85 -28.79 -24.58
CA ARG D 58 -19.21 -28.85 -25.08
C ARG D 58 -19.19 -28.64 -26.58
N SER D 59 -19.98 -29.42 -27.30
CA SER D 59 -20.11 -29.32 -28.74
C SER D 59 -21.48 -28.81 -29.13
N GLY D 60 -21.57 -28.27 -30.35
CA GLY D 60 -22.82 -27.76 -30.87
C GLY D 60 -23.21 -26.38 -30.39
N VAL D 61 -22.29 -25.63 -29.80
CA VAL D 61 -22.56 -24.29 -29.32
C VAL D 61 -21.60 -23.33 -30.03
N PRO D 62 -22.10 -22.36 -30.78
CA PRO D 62 -21.20 -21.42 -31.47
C PRO D 62 -20.61 -20.41 -30.49
N PRO D 63 -19.28 -20.30 -30.44
CA PRO D 63 -18.66 -19.34 -29.53
C PRO D 63 -18.99 -17.92 -29.92
N LYS D 64 -19.00 -17.03 -28.91
CA LYS D 64 -19.30 -15.63 -29.11
C LYS D 64 -18.31 -14.79 -28.32
N VAL D 65 -18.01 -13.60 -28.83
CA VAL D 65 -17.04 -12.70 -28.24
C VAL D 65 -17.65 -11.30 -28.14
N VAL D 66 -17.28 -10.58 -27.09
CA VAL D 66 -17.74 -9.21 -26.87
C VAL D 66 -16.54 -8.39 -26.41
N ASN D 67 -16.57 -7.10 -26.74
CA ASN D 67 -15.47 -6.20 -26.40
C ASN D 67 -15.71 -5.51 -25.07
N TYR D 68 -14.63 -5.30 -24.32
CA TYR D 68 -14.65 -4.48 -23.13
C TYR D 68 -13.45 -3.54 -23.17
N GLU D 69 -13.71 -2.24 -23.00
CA GLU D 69 -12.68 -1.24 -23.23
C GLU D 69 -11.61 -1.28 -22.14
N ALA D 70 -12.02 -1.30 -20.88
CA ALA D 70 -11.11 -1.31 -19.75
C ALA D 70 -11.32 -2.55 -18.90
N GLY D 71 -10.28 -2.93 -18.16
CA GLY D 71 -10.35 -4.11 -17.32
C GLY D 71 -9.56 -3.92 -16.04
N GLU D 72 -9.69 -4.90 -15.15
CA GLU D 72 -9.02 -4.88 -13.86
C GLU D 72 -7.73 -5.71 -13.92
N TRP D 73 -6.74 -5.28 -13.14
CA TRP D 73 -5.49 -6.03 -13.06
C TRP D 73 -5.74 -7.39 -12.44
N ALA D 74 -5.32 -8.44 -13.14
CA ALA D 74 -5.50 -9.81 -12.69
C ALA D 74 -4.23 -10.31 -12.02
N GLU D 75 -4.39 -11.07 -10.94
CA GLU D 75 -3.25 -11.65 -10.23
C GLU D 75 -2.93 -13.06 -10.70
N ASN D 76 -3.96 -13.86 -11.01
CA ASN D 76 -3.78 -15.23 -11.45
C ASN D 76 -4.48 -15.39 -12.79
N CYS D 77 -3.71 -15.71 -13.83
CA CYS D 77 -4.23 -15.98 -15.17
C CYS D 77 -3.89 -17.41 -15.55
N TYR D 78 -4.49 -17.88 -16.64
CA TYR D 78 -4.36 -19.26 -17.04
C TYR D 78 -4.08 -19.37 -18.53
N ASN D 79 -3.23 -20.32 -18.89
CA ASN D 79 -2.83 -20.54 -20.28
C ASN D 79 -2.79 -22.05 -20.50
N LEU D 80 -3.78 -22.57 -21.21
CA LEU D 80 -3.93 -24.01 -21.38
C LEU D 80 -3.38 -24.45 -22.73
N GLU D 81 -2.69 -25.59 -22.73
CA GLU D 81 -2.13 -26.22 -23.92
C GLU D 81 -2.46 -27.70 -23.94
N ILE D 82 -3.72 -28.03 -23.69
CA ILE D 82 -4.13 -29.43 -23.57
C ILE D 82 -4.21 -30.07 -24.95
N LYS D 83 -3.80 -31.34 -25.03
CA LYS D 83 -3.87 -32.13 -26.24
C LYS D 83 -4.43 -33.50 -25.91
N LYS D 84 -5.18 -34.07 -26.85
CA LYS D 84 -5.75 -35.39 -26.64
C LYS D 84 -4.63 -36.42 -26.51
N PRO D 85 -4.90 -37.55 -25.84
CA PRO D 85 -3.81 -38.50 -25.57
C PRO D 85 -3.17 -39.09 -26.81
N ASP D 86 -3.92 -39.18 -27.93
CA ASP D 86 -3.33 -39.69 -29.16
C ASP D 86 -2.31 -38.72 -29.73
N GLY D 87 -2.49 -37.42 -29.53
CA GLY D 87 -1.55 -36.43 -30.00
C GLY D 87 -2.20 -35.19 -30.58
N SER D 88 -3.49 -35.27 -30.88
CA SER D 88 -4.20 -34.15 -31.48
C SER D 88 -4.51 -33.08 -30.43
N GLU D 89 -4.75 -31.87 -30.91
CA GLU D 89 -5.06 -30.75 -30.04
C GLU D 89 -6.48 -30.87 -29.48
N CYS D 90 -6.78 -30.02 -28.51
CA CYS D 90 -8.10 -29.98 -27.88
C CYS D 90 -8.75 -28.61 -27.96
N LEU D 91 -7.98 -27.54 -27.83
CA LEU D 91 -8.53 -26.20 -27.88
C LEU D 91 -8.19 -25.53 -29.20
N PRO D 92 -9.04 -24.61 -29.67
CA PRO D 92 -8.76 -23.94 -30.94
C PRO D 92 -7.69 -22.88 -30.79
N ALA D 93 -6.99 -22.63 -31.90
CA ALA D 93 -5.99 -21.57 -31.92
C ALA D 93 -6.66 -20.21 -31.80
N ALA D 94 -6.01 -19.30 -31.10
CA ALA D 94 -6.54 -17.95 -30.93
C ALA D 94 -6.63 -17.25 -32.28
N PRO D 95 -7.82 -16.82 -32.71
CA PRO D 95 -7.93 -16.13 -34.00
C PRO D 95 -7.20 -14.80 -33.99
N ASP D 96 -7.14 -14.18 -35.17
CA ASP D 96 -6.46 -12.90 -35.29
C ASP D 96 -7.16 -11.84 -34.44
N GLY D 97 -6.37 -10.96 -33.84
CA GLY D 97 -6.87 -9.90 -32.99
C GLY D 97 -7.01 -10.28 -31.53
N ILE D 98 -7.11 -11.56 -31.21
CA ILE D 98 -7.25 -12.02 -29.83
C ILE D 98 -5.86 -12.33 -29.29
N ARG D 99 -5.51 -11.70 -28.17
CA ARG D 99 -4.22 -11.89 -27.53
C ARG D 99 -4.44 -12.15 -26.05
N GLY D 100 -3.36 -12.52 -25.36
CA GLY D 100 -3.44 -12.84 -23.95
C GLY D 100 -3.87 -11.65 -23.12
N PHE D 101 -4.30 -11.95 -21.89
CA PHE D 101 -4.71 -10.90 -20.96
C PHE D 101 -3.53 -9.98 -20.68
N PRO D 102 -3.73 -8.66 -20.70
CA PRO D 102 -2.58 -7.75 -20.64
C PRO D 102 -1.85 -7.77 -19.30
N ARG D 103 -2.57 -7.64 -18.20
CA ARG D 103 -1.97 -7.51 -16.87
C ARG D 103 -2.25 -8.79 -16.07
N CYS D 104 -1.22 -9.60 -15.89
CA CYS D 104 -1.30 -10.80 -15.08
C CYS D 104 -0.08 -10.85 -14.17
N ARG D 105 -0.23 -11.47 -13.00
CA ARG D 105 0.87 -11.65 -12.06
C ARG D 105 1.38 -13.07 -12.03
N TYR D 106 0.49 -14.06 -11.96
CA TYR D 106 0.85 -15.47 -11.98
C TYR D 106 0.09 -16.13 -13.13
N VAL D 107 0.79 -16.37 -14.24
CA VAL D 107 0.18 -17.00 -15.41
C VAL D 107 0.39 -18.50 -15.27
N HIS D 108 -0.69 -19.22 -14.93
CA HIS D 108 -0.62 -20.67 -14.75
C HIS D 108 -0.68 -21.32 -16.12
N LYS D 109 0.48 -21.71 -16.64
CA LYS D 109 0.58 -22.36 -17.95
C LYS D 109 0.43 -23.86 -17.76
N VAL D 110 -0.79 -24.36 -17.97
CA VAL D 110 -1.09 -25.78 -17.82
C VAL D 110 -0.78 -26.49 -19.13
N SER D 111 -0.03 -27.59 -19.04
CA SER D 111 0.37 -28.38 -20.20
C SER D 111 0.11 -29.84 -19.87
N GLY D 112 -1.06 -30.36 -20.29
CA GLY D 112 -1.41 -31.74 -20.01
C GLY D 112 -2.24 -32.38 -21.10
N THR D 113 -2.85 -33.52 -20.78
CA THR D 113 -3.67 -34.26 -21.73
C THR D 113 -4.98 -34.65 -21.06
N GLY D 114 -6.03 -34.74 -21.88
CA GLY D 114 -7.34 -35.09 -21.40
C GLY D 114 -8.23 -35.66 -22.49
N PRO D 115 -9.43 -36.12 -22.12
CA PRO D 115 -10.34 -36.68 -23.13
C PRO D 115 -10.89 -35.65 -24.09
N CYS D 116 -11.27 -34.48 -23.59
CA CYS D 116 -11.79 -33.37 -24.40
C CYS D 116 -13.04 -33.81 -25.18
N ALA D 117 -14.06 -34.21 -24.42
CA ALA D 117 -15.34 -34.65 -25.01
C ALA D 117 -16.17 -33.43 -25.42
N GLY D 118 -15.64 -32.67 -26.36
CA GLY D 118 -16.32 -31.48 -26.83
C GLY D 118 -15.40 -30.67 -27.73
N ASP D 119 -16.02 -29.74 -28.45
CA ASP D 119 -15.28 -28.88 -29.37
C ASP D 119 -14.58 -27.75 -28.63
N PHE D 120 -15.34 -26.95 -27.90
CA PHE D 120 -14.81 -25.79 -27.18
C PHE D 120 -15.04 -25.97 -25.69
N ALA D 121 -14.21 -25.27 -24.91
CA ALA D 121 -14.28 -25.32 -23.46
C ALA D 121 -14.97 -24.06 -22.95
N PHE D 122 -16.13 -24.23 -22.33
CA PHE D 122 -16.91 -23.12 -21.81
C PHE D 122 -16.76 -23.02 -20.28
N HIS D 123 -17.29 -21.93 -19.74
CA HIS D 123 -17.26 -21.70 -18.30
C HIS D 123 -18.55 -22.23 -17.69
N LYS D 124 -18.41 -23.15 -16.73
CA LYS D 124 -19.59 -23.81 -16.17
C LYS D 124 -20.49 -22.81 -15.45
N GLU D 125 -19.90 -21.82 -14.78
CA GLU D 125 -20.69 -20.85 -14.04
C GLU D 125 -21.24 -19.73 -14.93
N GLY D 126 -20.74 -19.59 -16.15
CA GLY D 126 -21.23 -18.58 -17.05
C GLY D 126 -20.32 -17.37 -17.21
N ALA D 127 -19.24 -17.29 -16.44
CA ALA D 127 -18.32 -16.17 -16.56
C ALA D 127 -17.63 -16.20 -17.93
N PHE D 128 -17.04 -15.07 -18.28
CA PHE D 128 -16.32 -14.93 -19.54
C PHE D 128 -14.83 -15.15 -19.34
N PHE D 129 -14.16 -15.54 -20.41
CA PHE D 129 -12.70 -15.67 -20.44
C PHE D 129 -12.13 -14.37 -21.00
N LEU D 130 -11.49 -13.58 -20.14
CA LEU D 130 -11.03 -12.26 -20.53
C LEU D 130 -9.72 -12.35 -21.30
N TYR D 131 -9.63 -11.60 -22.39
CA TYR D 131 -8.44 -11.54 -23.23
C TYR D 131 -8.08 -10.07 -23.36
N ASP D 132 -7.18 -9.76 -24.31
CA ASP D 132 -6.76 -8.38 -24.51
C ASP D 132 -7.94 -7.56 -25.03
N ARG D 133 -8.66 -6.93 -24.11
CA ARG D 133 -9.82 -6.09 -24.41
C ARG D 133 -10.92 -6.85 -25.14
N LEU D 134 -10.94 -8.18 -25.05
CA LEU D 134 -11.95 -9.00 -25.69
C LEU D 134 -12.38 -10.11 -24.73
N ALA D 135 -13.67 -10.19 -24.48
CA ALA D 135 -14.25 -11.19 -23.57
C ALA D 135 -14.92 -12.27 -24.40
N SER D 136 -14.35 -13.47 -24.40
CA SER D 136 -14.90 -14.61 -25.13
C SER D 136 -15.57 -15.58 -24.16
N THR D 137 -16.31 -16.53 -24.74
CA THR D 137 -17.00 -17.54 -23.98
C THR D 137 -16.32 -18.90 -24.03
N VAL D 138 -15.16 -18.99 -24.68
CA VAL D 138 -14.43 -20.24 -24.81
C VAL D 138 -12.96 -19.98 -24.45
N ILE D 139 -12.18 -21.05 -24.46
CA ILE D 139 -10.74 -20.99 -24.17
C ILE D 139 -9.98 -21.26 -25.46
N TYR D 140 -9.00 -20.41 -25.74
CA TYR D 140 -8.17 -20.56 -26.92
C TYR D 140 -6.83 -21.17 -26.54
N ARG D 141 -6.34 -22.08 -27.39
CA ARG D 141 -5.13 -22.83 -27.09
C ARG D 141 -3.93 -21.90 -26.94
N GLY D 142 -3.15 -22.12 -25.89
CA GLY D 142 -1.94 -21.34 -25.66
C GLY D 142 -2.18 -19.85 -25.51
N THR D 143 -3.35 -19.45 -25.02
CA THR D 143 -3.71 -18.05 -24.88
C THR D 143 -4.02 -17.75 -23.42
N THR D 144 -3.27 -16.82 -22.85
CA THR D 144 -3.49 -16.42 -21.47
C THR D 144 -4.84 -15.71 -21.32
N PHE D 145 -5.56 -16.05 -20.25
CA PHE D 145 -6.87 -15.46 -20.02
C PHE D 145 -7.10 -15.34 -18.52
N ALA D 146 -8.18 -14.64 -18.16
CA ALA D 146 -8.59 -14.48 -16.78
C ALA D 146 -10.10 -14.53 -16.71
N GLU D 147 -10.62 -15.27 -15.73
CA GLU D 147 -12.06 -15.34 -15.55
C GLU D 147 -12.60 -13.99 -15.09
N GLY D 148 -13.83 -13.69 -15.49
CA GLY D 148 -14.43 -12.44 -15.10
C GLY D 148 -15.75 -12.21 -15.82
N VAL D 149 -16.34 -11.06 -15.53
CA VAL D 149 -17.63 -10.65 -16.06
C VAL D 149 -17.52 -9.22 -16.56
N VAL D 150 -18.54 -8.80 -17.31
CA VAL D 150 -18.53 -7.53 -18.01
C VAL D 150 -19.73 -6.70 -17.57
N ALA D 151 -19.54 -5.38 -17.47
CA ALA D 151 -20.61 -4.43 -17.17
C ALA D 151 -20.58 -3.32 -18.22
N PHE D 152 -21.55 -2.42 -18.11
CA PHE D 152 -21.67 -1.28 -19.03
C PHE D 152 -22.02 -0.04 -18.22
N LEU D 153 -21.22 1.01 -18.34
CA LEU D 153 -21.33 2.17 -17.47
C LEU D 153 -21.51 3.45 -18.28
N ILE D 154 -22.11 4.45 -17.63
CA ILE D 154 -22.28 5.78 -18.18
C ILE D 154 -21.62 6.76 -17.22
N LEU D 155 -20.50 7.33 -17.62
CA LEU D 155 -19.70 8.20 -16.79
C LEU D 155 -20.02 9.66 -17.05
N PRO D 156 -19.68 10.56 -16.12
CA PRO D 156 -19.90 12.00 -16.32
C PRO D 156 -19.20 12.56 -17.56
N SER D 180 14.69 -4.15 -15.74
CA SER D 180 14.49 -3.48 -14.46
C SER D 180 13.17 -2.72 -14.43
N GLY D 181 12.09 -3.36 -14.91
CA GLY D 181 10.78 -2.76 -14.94
C GLY D 181 9.73 -3.70 -14.38
N TYR D 182 8.49 -3.23 -14.40
CA TYR D 182 7.38 -4.02 -13.91
C TYR D 182 7.11 -5.19 -14.84
N TYR D 183 7.15 -6.41 -14.32
CA TYR D 183 6.93 -7.61 -15.11
C TYR D 183 6.27 -8.67 -14.22
N SER D 184 6.03 -9.84 -14.81
CA SER D 184 5.41 -10.95 -14.09
C SER D 184 6.18 -12.24 -14.31
N THR D 185 5.59 -13.36 -13.89
CA THR D 185 6.24 -14.66 -14.02
C THR D 185 5.19 -15.72 -14.31
N THR D 186 5.50 -16.60 -15.26
CA THR D 186 4.62 -17.71 -15.59
C THR D 186 4.92 -18.91 -14.71
N ILE D 187 3.95 -19.83 -14.64
CA ILE D 187 4.08 -21.05 -13.86
C ILE D 187 3.66 -22.22 -14.75
N ARG D 188 4.58 -23.16 -14.96
CA ARG D 188 4.32 -24.32 -15.80
C ARG D 188 3.73 -25.45 -14.96
N TYR D 189 2.83 -26.23 -15.59
CA TYR D 189 2.15 -27.33 -14.93
C TYR D 189 2.12 -28.52 -15.87
N GLN D 190 1.86 -29.69 -15.30
CA GLN D 190 1.72 -30.94 -16.05
C GLN D 190 0.47 -31.64 -15.55
N ALA D 191 -0.62 -31.56 -16.32
CA ALA D 191 -1.89 -32.16 -15.96
C ALA D 191 -2.04 -33.55 -16.59
N THR D 192 -2.90 -34.35 -15.96
CA THR D 192 -3.19 -35.71 -16.43
C THR D 192 -4.69 -35.95 -16.24
N GLY D 193 -5.42 -36.07 -17.34
CA GLY D 193 -6.85 -36.23 -17.28
C GLY D 193 -7.57 -34.91 -17.07
N PHE D 194 -7.18 -33.90 -17.83
CA PHE D 194 -7.75 -32.56 -17.68
C PHE D 194 -9.24 -32.57 -18.06
N GLY D 195 -10.02 -31.81 -17.30
CA GLY D 195 -11.43 -31.65 -17.58
C GLY D 195 -12.32 -32.77 -17.08
N THR D 196 -11.78 -33.75 -16.35
CA THR D 196 -12.54 -34.86 -15.83
C THR D 196 -12.54 -34.81 -14.30
N ASN D 197 -13.43 -35.61 -13.71
CA ASN D 197 -13.50 -35.68 -12.25
C ASN D 197 -12.21 -36.22 -11.66
N GLU D 198 -11.52 -37.09 -12.40
CA GLU D 198 -10.22 -37.63 -11.98
C GLU D 198 -9.12 -36.91 -12.75
N THR D 199 -8.42 -36.01 -12.08
CA THR D 199 -7.33 -35.26 -12.68
C THR D 199 -6.14 -35.24 -11.73
N GLU D 200 -4.95 -35.49 -12.28
CA GLU D 200 -3.71 -35.52 -11.51
C GLU D 200 -2.82 -34.38 -11.97
N TYR D 201 -2.66 -33.35 -11.14
CA TYR D 201 -1.86 -32.19 -11.47
C TYR D 201 -0.45 -32.33 -10.92
N LEU D 202 0.50 -31.73 -11.65
CA LEU D 202 1.91 -31.79 -11.27
C LEU D 202 2.55 -30.44 -11.55
N PHE D 203 3.33 -29.94 -10.59
CA PHE D 203 4.11 -28.72 -10.76
C PHE D 203 5.42 -29.07 -11.43
N GLU D 204 5.66 -28.51 -12.62
CA GLU D 204 6.87 -28.79 -13.38
C GLU D 204 7.93 -27.74 -13.06
N VAL D 205 8.60 -27.94 -11.92
CA VAL D 205 9.69 -27.06 -11.55
C VAL D 205 10.84 -27.20 -12.55
N ASP D 206 11.15 -28.43 -12.95
CA ASP D 206 12.15 -28.71 -13.96
C ASP D 206 11.64 -29.86 -14.83
N ASN D 207 12.30 -30.05 -15.97
CA ASN D 207 11.91 -31.13 -16.87
C ASN D 207 12.16 -32.51 -16.28
N LEU D 208 12.99 -32.60 -15.24
CA LEU D 208 13.28 -33.87 -14.58
C LEU D 208 12.94 -33.86 -13.10
N THR D 209 12.41 -32.75 -12.56
CA THR D 209 12.04 -32.66 -11.15
C THR D 209 10.69 -31.97 -11.06
N TYR D 210 9.65 -32.75 -10.79
CA TYR D 210 8.29 -32.23 -10.66
C TYR D 210 7.70 -32.66 -9.32
N VAL D 211 6.84 -31.81 -8.78
CA VAL D 211 6.21 -32.07 -7.48
C VAL D 211 4.70 -32.12 -7.67
N GLN D 212 4.04 -32.79 -6.72
CA GLN D 212 2.59 -32.90 -6.74
C GLN D 212 1.95 -31.59 -6.28
N LEU D 213 0.63 -31.50 -6.47
CA LEU D 213 -0.11 -30.29 -6.14
C LEU D 213 -1.37 -30.66 -5.35
N GLU D 214 -2.03 -29.62 -4.84
CA GLU D 214 -3.29 -29.76 -4.12
C GLU D 214 -3.89 -28.37 -3.98
N SER D 215 -5.17 -28.33 -3.59
CA SER D 215 -5.86 -27.06 -3.40
C SER D 215 -5.30 -26.26 -2.24
N ARG D 216 -4.47 -26.87 -1.38
CA ARG D 216 -3.87 -26.18 -0.25
C ARG D 216 -2.52 -25.54 -0.59
N PHE D 217 -2.30 -25.20 -1.85
CA PHE D 217 -1.06 -24.58 -2.30
C PHE D 217 -1.37 -23.20 -2.87
N THR D 218 -0.63 -22.18 -2.39
CA THR D 218 -0.80 -20.79 -2.81
C THR D 218 0.23 -20.43 -3.86
N PRO D 219 -0.10 -19.47 -4.75
CA PRO D 219 0.87 -19.10 -5.79
C PRO D 219 2.21 -18.64 -5.24
N GLN D 220 2.21 -17.88 -4.15
CA GLN D 220 3.48 -17.46 -3.55
C GLN D 220 4.25 -18.64 -2.99
N PHE D 221 3.55 -19.67 -2.51
CA PHE D 221 4.21 -20.86 -2.02
C PHE D 221 4.97 -21.57 -3.14
N LEU D 222 4.34 -21.69 -4.31
CA LEU D 222 5.03 -22.29 -5.45
C LEU D 222 6.23 -21.46 -5.90
N LEU D 223 6.16 -20.14 -5.72
CA LEU D 223 7.31 -19.30 -6.03
C LEU D 223 8.47 -19.59 -5.11
N GLN D 224 8.20 -19.95 -3.86
CA GLN D 224 9.26 -20.34 -2.94
C GLN D 224 9.81 -21.73 -3.22
N LEU D 225 9.16 -22.51 -4.09
CA LEU D 225 9.65 -23.85 -4.39
C LEU D 225 10.90 -23.79 -5.26
N ASN D 226 10.80 -23.15 -6.43
CA ASN D 226 11.98 -22.91 -7.25
C ASN D 226 13.07 -22.24 -6.43
N GLU D 227 12.69 -21.33 -5.53
CA GLU D 227 13.66 -20.68 -4.64
C GLU D 227 14.54 -21.70 -3.92
N THR D 228 14.06 -22.93 -3.75
CA THR D 228 14.88 -24.02 -3.21
C THR D 228 14.94 -25.25 -4.10
N ILE D 229 14.15 -25.31 -5.17
CA ILE D 229 14.14 -26.50 -6.02
C ILE D 229 15.39 -26.60 -6.88
N TYR D 230 16.11 -25.51 -7.07
CA TYR D 230 17.33 -25.47 -7.87
C TYR D 230 17.06 -25.93 -9.31
N THR D 231 16.24 -25.16 -10.00
CA THR D 231 15.90 -25.45 -11.39
C THR D 231 16.90 -24.82 -12.35
N ASN D 237 24.53 -35.43 -12.96
CA ASN D 237 23.10 -35.19 -13.16
C ASN D 237 22.47 -36.30 -14.01
N THR D 238 22.25 -37.45 -13.39
CA THR D 238 21.65 -38.61 -14.06
C THR D 238 20.51 -39.19 -13.24
N THR D 239 19.76 -38.34 -12.53
CA THR D 239 18.66 -38.81 -11.70
C THR D 239 17.37 -39.03 -12.50
N GLY D 240 17.27 -38.46 -13.70
CA GLY D 240 16.07 -38.64 -14.49
C GLY D 240 14.87 -37.92 -13.92
N LYS D 241 13.70 -38.24 -14.48
CA LYS D 241 12.46 -37.65 -14.02
C LYS D 241 12.19 -38.05 -12.58
N LEU D 242 11.91 -37.06 -11.73
CA LEU D 242 11.67 -37.28 -10.31
C LEU D 242 10.35 -36.62 -9.93
N ILE D 243 9.42 -37.41 -9.42
CA ILE D 243 8.14 -36.92 -8.92
C ILE D 243 8.27 -36.69 -7.42
N TRP D 244 7.92 -35.49 -6.96
CA TRP D 244 8.08 -35.09 -5.58
C TRP D 244 6.73 -34.86 -4.93
N LYS D 245 6.74 -34.81 -3.59
CA LYS D 245 5.55 -34.58 -2.80
C LYS D 245 5.94 -33.87 -1.51
N VAL D 246 5.22 -32.80 -1.19
CA VAL D 246 5.56 -31.95 -0.06
C VAL D 246 4.58 -32.22 1.08
N ASN D 247 5.09 -32.13 2.30
CA ASN D 247 4.27 -32.28 3.51
C ASN D 247 4.69 -31.19 4.51
N PRO D 248 4.18 -29.97 4.34
CA PRO D 248 4.60 -28.87 5.20
C PRO D 248 4.04 -28.97 6.61
N GLU D 249 4.34 -27.97 7.44
CA GLU D 249 3.85 -27.93 8.81
C GLU D 249 3.25 -26.57 9.14
#